data_1ZTH
#
_entry.id   1ZTH
#
_cell.length_a   53.414
_cell.length_b   80.084
_cell.length_c   121.056
_cell.angle_alpha   90.00
_cell.angle_beta   90.17
_cell.angle_gamma   90.00
#
_symmetry.space_group_name_H-M   'P 1 21 1'
#
loop_
_entity.id
_entity.type
_entity.pdbx_description
1 polymer 'Rio1 serine protein kinase'
2 non-polymer 'MANGANESE (II) ION'
3 non-polymer "ADENOSINE-5'-DIPHOSPHATE"
4 water water
#
_entity_poly.entity_id   1
_entity_poly.type   'polypeptide(L)'
_entity_poly.pdbx_seq_one_letter_code
;(MSE)KDLKKIESYLDKLRIKEKDGEERKIYAEVLDGRTLKTLYKLSAKGYITA(MSE)GGVISTGKEANVFYADGVFDG
KPVA(MSE)AVKIYRIETSEFDK(MSE)DEYLYGDERFD(MSE)RRISPKEKVFIWTEKEFRNLERAKEAGVSVPQPYTY
(MSE)KNVLL(MSE)EFIGEDELPAPTLVELGRELKELDVEGIFNDVVENVKRLYQEAELVHADLSEYNI(MSE)YIDKV
YFID(MSE)GQAVTLRHP(MSE)AESYLERDVRNIIRFFSKYGVKADFEE(MSE)LKEVKGE
;
_entity_poly.pdbx_strand_id   A,B,C,D
#
loop_
_chem_comp.id
_chem_comp.type
_chem_comp.name
_chem_comp.formula
ADP non-polymer ADENOSINE-5'-DIPHOSPHATE 'C10 H15 N5 O10 P2'
MN non-polymer 'MANGANESE (II) ION' 'Mn 2'
#
# COMPACT_ATOMS: atom_id res chain seq x y z
N ASP A 3 60.88 -10.09 21.20
CA ASP A 3 60.88 -8.74 20.55
C ASP A 3 60.30 -7.62 21.43
N LEU A 4 59.64 -7.99 22.54
CA LEU A 4 59.00 -7.04 23.45
C LEU A 4 59.99 -6.01 24.01
N LYS A 5 61.17 -6.48 24.34
CA LYS A 5 62.21 -5.60 24.87
C LYS A 5 62.71 -4.60 23.83
N LYS A 6 62.84 -5.05 22.59
CA LYS A 6 63.23 -4.16 21.48
C LYS A 6 62.17 -3.09 21.27
N ILE A 7 60.91 -3.47 21.22
CA ILE A 7 59.84 -2.49 21.04
C ILE A 7 59.90 -1.37 22.08
N GLU A 8 59.92 -1.76 23.36
CA GLU A 8 59.95 -0.78 24.45
C GLU A 8 61.20 0.09 24.33
N SER A 9 62.27 -0.51 23.85
CA SER A 9 63.50 0.24 23.66
C SER A 9 63.34 1.29 22.59
N TYR A 10 62.70 0.95 21.49
CA TYR A 10 62.49 1.97 20.46
C TYR A 10 61.44 2.99 20.85
N LEU A 11 60.41 2.55 21.57
CA LEU A 11 59.41 3.53 22.01
C LEU A 11 60.06 4.59 22.87
N ASP A 12 61.06 4.15 23.62
CA ASP A 12 61.87 5.05 24.41
C ASP A 12 62.69 6.00 23.53
N LYS A 13 63.34 5.47 22.49
CA LYS A 13 64.15 6.32 21.62
C LYS A 13 63.26 7.28 20.84
N LEU A 14 62.05 6.84 20.49
CA LEU A 14 61.10 7.71 19.76
C LEU A 14 60.37 8.73 20.62
N ARG A 15 60.65 8.73 21.91
CA ARG A 15 59.98 9.62 22.86
C ARG A 15 58.46 9.40 22.99
N ILE A 16 58.03 8.16 22.88
CA ILE A 16 56.62 7.84 23.00
C ILE A 16 56.43 7.46 24.46
N LYS A 17 55.96 8.41 25.26
CA LYS A 17 55.99 8.26 26.72
C LYS A 17 54.71 7.70 27.34
N GLU A 18 54.86 7.05 28.50
CA GLU A 18 53.71 6.63 29.33
C GLU A 18 52.66 7.73 29.50
N LYS A 19 53.10 8.96 29.75
CA LYS A 19 52.16 10.03 30.00
C LYS A 19 51.40 10.43 28.75
N ASP A 20 51.84 9.95 27.58
CA ASP A 20 51.19 10.30 26.32
C ASP A 20 49.88 9.52 26.07
N GLY A 21 49.04 9.42 27.09
CA GLY A 21 47.75 8.77 26.92
C GLY A 21 47.96 7.28 26.73
N GLU A 22 47.09 6.68 25.97
CA GLU A 22 47.18 5.26 25.68
C GLU A 22 48.20 5.02 24.58
N GLU A 23 48.84 6.06 24.05
CA GLU A 23 49.69 5.86 22.84
C GLU A 23 50.73 4.74 22.94
N ARG A 24 51.54 4.77 24.00
CA ARG A 24 52.62 3.79 24.08
C ARG A 24 52.12 2.34 24.00
N LYS A 25 51.03 2.01 24.69
CA LYS A 25 50.55 0.63 24.68
C LYS A 25 49.99 0.27 23.29
N ILE A 26 49.43 1.25 22.60
CA ILE A 26 48.88 0.98 21.27
C ILE A 26 50.06 0.73 20.31
N TYR A 27 50.97 1.69 20.22
CA TYR A 27 52.22 1.49 19.46
C TYR A 27 52.83 0.11 19.69
N ALA A 28 53.11 -0.24 20.95
CA ALA A 28 53.80 -1.49 21.27
C ALA A 28 53.01 -2.71 20.83
N GLU A 29 51.69 -2.59 20.75
CA GLU A 29 50.91 -3.76 20.31
C GLU A 29 50.79 -3.81 18.80
N VAL A 30 50.61 -2.66 18.15
CA VAL A 30 50.28 -2.71 16.72
C VAL A 30 51.52 -2.71 15.82
N LEU A 31 52.65 -2.30 16.38
CA LEU A 31 53.90 -2.23 15.59
C LEU A 31 54.92 -3.23 16.11
N ASP A 32 55.80 -3.71 15.23
CA ASP A 32 56.84 -4.61 15.68
C ASP A 32 58.19 -3.92 15.72
N GLY A 33 59.21 -4.65 16.17
CA GLY A 33 60.56 -4.08 16.28
C GLY A 33 61.15 -3.49 15.00
N ARG A 34 61.03 -4.23 13.90
CA ARG A 34 61.65 -3.83 12.66
C ARG A 34 60.98 -2.58 12.11
N THR A 35 59.68 -2.48 12.35
CA THR A 35 58.97 -1.28 12.00
C THR A 35 59.49 -0.10 12.80
N LEU A 36 59.66 -0.27 14.11
CA LEU A 36 60.10 0.89 14.90
C LEU A 36 61.50 1.33 14.50
N LYS A 37 62.30 0.35 14.10
CA LYS A 37 63.66 0.58 13.62
C LYS A 37 63.68 1.50 12.41
N THR A 38 62.80 1.21 11.46
CA THR A 38 62.54 2.05 10.30
C THR A 38 62.12 3.49 10.66
N LEU A 39 61.14 3.64 11.58
CA LEU A 39 60.70 4.98 12.03
C LEU A 39 61.86 5.73 12.64
N TYR A 40 62.68 5.01 13.42
CA TYR A 40 63.82 5.65 14.06
C TYR A 40 64.83 6.03 12.98
N LYS A 41 65.00 5.19 11.98
CA LYS A 41 65.88 5.53 10.85
C LYS A 41 65.29 6.70 10.05
N LEU A 42 63.98 6.72 9.84
CA LEU A 42 63.36 7.92 9.22
C LEU A 42 63.50 9.13 10.13
N SER A 43 63.57 8.91 11.43
CA SER A 43 63.78 10.02 12.37
C SER A 43 65.21 10.52 12.21
N ALA A 44 66.16 9.59 12.20
CA ALA A 44 67.57 9.95 12.02
C ALA A 44 67.85 10.65 10.70
N LYS A 45 67.17 10.25 9.64
CA LYS A 45 67.30 10.88 8.33
C LYS A 45 66.71 12.28 8.29
N GLY A 46 65.97 12.65 9.34
CA GLY A 46 65.43 14.00 9.43
C GLY A 46 64.01 14.18 8.90
N TYR A 47 63.37 13.14 8.40
CA TYR A 47 61.96 13.29 7.95
C TYR A 47 61.02 13.38 9.15
N ILE A 48 61.28 12.60 10.20
CA ILE A 48 60.37 12.56 11.36
C ILE A 48 61.02 13.30 12.53
N THR A 49 60.32 14.30 13.07
CA THR A 49 60.87 15.02 14.21
C THR A 49 60.31 14.43 15.48
N ALA A 50 59.01 14.14 15.47
CA ALA A 50 58.34 13.67 16.68
C ALA A 50 57.14 12.80 16.29
N MSE A 51 57.17 11.50 16.57
CA MSE A 51 55.91 10.73 16.47
C MSE A 51 54.84 11.20 17.48
O MSE A 51 55.14 11.49 18.64
CB MSE A 51 56.13 9.22 16.69
CG MSE A 51 57.03 8.50 15.72
SE MSE A 51 56.36 8.48 13.92
CE MSE A 51 54.69 7.31 14.09
N GLY A 52 53.61 11.31 17.01
CA GLY A 52 52.48 11.84 17.79
C GLY A 52 51.41 10.79 18.07
N GLY A 53 50.15 11.19 17.98
CA GLY A 53 49.11 10.33 18.47
C GLY A 53 48.73 9.27 17.45
N VAL A 54 47.94 8.31 17.90
CA VAL A 54 47.41 7.24 17.03
C VAL A 54 46.20 7.76 16.27
N ILE A 55 46.18 7.61 14.96
CA ILE A 55 45.06 8.09 14.17
C ILE A 55 44.08 6.93 13.82
N SER A 56 44.59 5.75 13.49
CA SER A 56 43.74 4.65 13.09
C SER A 56 44.50 3.36 13.29
N THR A 57 43.82 2.32 13.80
CA THR A 57 44.44 1.01 13.96
C THR A 57 43.55 0.07 13.11
N GLY A 58 44.14 -0.63 12.17
CA GLY A 58 43.34 -1.49 11.32
C GLY A 58 43.89 -2.87 11.13
N LYS A 59 43.18 -3.61 10.29
CA LYS A 59 43.60 -4.95 9.95
C LYS A 59 44.81 -4.97 9.00
N GLU A 60 44.90 -4.00 8.10
CA GLU A 60 46.03 -3.95 7.18
C GLU A 60 47.05 -2.90 7.53
N ALA A 61 46.58 -1.79 8.10
CA ALA A 61 47.41 -0.62 8.27
C ALA A 61 47.15 0.10 9.58
N ASN A 62 48.15 0.84 10.05
CA ASN A 62 48.03 1.74 11.20
C ASN A 62 48.51 3.10 10.80
N VAL A 63 47.83 4.13 11.28
CA VAL A 63 48.13 5.45 10.81
C VAL A 63 48.42 6.28 12.06
N PHE A 64 49.43 7.13 12.00
CA PHE A 64 49.77 7.94 13.18
C PHE A 64 50.04 9.36 12.76
N TYR A 65 49.95 10.27 13.72
CA TYR A 65 50.39 11.66 13.51
C TYR A 65 51.88 11.78 13.78
N ALA A 66 52.57 12.61 13.00
CA ALA A 66 53.92 13.00 13.37
C ALA A 66 54.22 14.44 12.96
N ASP A 67 55.14 15.08 13.68
CA ASP A 67 55.81 16.26 13.17
C ASP A 67 57.06 15.81 12.42
N GLY A 68 57.34 16.42 11.29
CA GLY A 68 58.49 16.02 10.49
C GLY A 68 58.92 17.18 9.65
N VAL A 69 59.76 16.91 8.64
CA VAL A 69 60.34 17.95 7.82
C VAL A 69 60.35 17.40 6.41
N PHE A 70 59.85 18.17 5.48
CA PHE A 70 59.92 17.72 4.08
C PHE A 70 60.29 18.90 3.22
N ASP A 71 61.30 18.72 2.35
CA ASP A 71 61.70 19.74 1.37
C ASP A 71 62.13 21.03 2.08
N GLY A 72 62.81 20.89 3.22
CA GLY A 72 63.37 22.06 3.90
C GLY A 72 62.45 22.71 4.92
N LYS A 73 61.22 22.23 5.06
CA LYS A 73 60.37 22.88 6.05
C LYS A 73 59.57 21.93 6.92
N PRO A 74 59.22 22.37 8.14
CA PRO A 74 58.38 21.63 9.07
C PRO A 74 56.98 21.37 8.50
N VAL A 75 56.55 20.11 8.56
CA VAL A 75 55.24 19.74 8.05
C VAL A 75 54.58 18.82 9.07
N ALA A 76 53.25 18.81 9.08
CA ALA A 76 52.47 17.76 9.78
C ALA A 76 52.28 16.58 8.82
N MSE A 77 52.49 15.36 9.34
CA MSE A 77 52.49 14.14 8.56
C MSE A 77 51.46 13.15 9.12
O MSE A 77 51.22 13.13 10.33
CB MSE A 77 53.88 13.48 8.65
CG MSE A 77 54.95 14.34 8.03
SE MSE A 77 56.60 13.39 8.18
CE MSE A 77 57.58 14.30 6.67
N ALA A 78 50.84 12.39 8.20
CA ALA A 78 50.19 11.10 8.53
C ALA A 78 51.26 10.07 8.20
N VAL A 79 51.57 9.21 9.16
CA VAL A 79 52.48 8.11 8.93
C VAL A 79 51.64 6.87 8.79
N LYS A 80 51.55 6.33 7.60
CA LYS A 80 50.73 5.12 7.44
C LYS A 80 51.69 3.94 7.39
N ILE A 81 51.39 2.90 8.16
CA ILE A 81 52.28 1.75 8.27
C ILE A 81 51.57 0.43 7.99
N TYR A 82 52.03 -0.31 6.98
CA TYR A 82 51.35 -1.55 6.63
C TYR A 82 51.89 -2.62 7.53
N ARG A 83 51.00 -3.49 8.00
CA ARG A 83 51.39 -4.67 8.78
C ARG A 83 52.24 -5.65 7.94
N ILE A 84 53.29 -6.20 8.54
CA ILE A 84 54.13 -7.20 7.91
C ILE A 84 53.63 -8.61 8.24
N MSE A 92 44.65 -8.24 -1.30
CA MSE A 92 45.68 -7.54 -2.07
C MSE A 92 45.81 -8.09 -3.48
O MSE A 92 45.85 -7.34 -4.45
CB MSE A 92 47.05 -7.62 -1.35
CG MSE A 92 47.28 -6.57 -0.25
SE MSE A 92 49.13 -6.57 0.50
CE MSE A 92 50.14 -6.82 -1.19
N ASP A 93 45.87 -9.42 -3.59
CA ASP A 93 46.28 -10.13 -4.80
C ASP A 93 45.67 -9.67 -6.11
N GLU A 94 44.34 -9.64 -6.18
CA GLU A 94 43.69 -9.24 -7.42
C GLU A 94 44.15 -7.84 -7.84
N TYR A 95 44.63 -7.04 -6.87
CA TYR A 95 45.01 -5.64 -7.12
C TYR A 95 46.47 -5.43 -7.47
N LEU A 96 47.25 -6.51 -7.40
CA LEU A 96 48.67 -6.49 -7.74
C LEU A 96 48.85 -7.18 -9.08
N TYR A 97 48.56 -8.47 -9.10
CA TYR A 97 48.52 -9.23 -10.34
C TYR A 97 47.64 -8.45 -11.30
N GLY A 98 48.08 -8.34 -12.55
CA GLY A 98 47.31 -7.59 -13.53
C GLY A 98 47.77 -6.15 -13.63
N ASP A 99 48.34 -5.62 -12.55
CA ASP A 99 48.97 -4.31 -12.64
C ASP A 99 50.44 -4.53 -12.95
N GLU A 100 50.76 -4.47 -14.23
CA GLU A 100 52.07 -4.89 -14.69
C GLU A 100 53.20 -3.95 -14.30
N ARG A 101 52.89 -2.83 -13.67
CA ARG A 101 53.94 -1.95 -13.16
C ARG A 101 54.78 -2.70 -12.14
N PHE A 102 54.17 -3.62 -11.42
CA PHE A 102 54.85 -4.29 -10.32
C PHE A 102 55.27 -5.72 -10.63
N ASP A 103 56.58 -5.91 -10.79
CA ASP A 103 57.13 -7.19 -11.17
C ASP A 103 57.01 -8.22 -10.06
N MSE A 104 55.98 -9.05 -10.13
CA MSE A 104 55.77 -10.09 -9.11
C MSE A 104 56.61 -11.33 -9.37
O MSE A 104 57.09 -11.99 -8.44
CB MSE A 104 54.28 -10.46 -9.03
CG MSE A 104 53.36 -9.26 -8.84
SE MSE A 104 53.75 -8.28 -7.20
CE MSE A 104 52.86 -9.52 -5.91
N PRO A 109 56.16 -13.17 2.04
CA PRO A 109 54.99 -12.38 2.42
C PRO A 109 55.36 -10.94 2.78
N LYS A 110 56.63 -10.75 3.10
CA LYS A 110 57.15 -9.49 3.58
C LYS A 110 57.49 -8.59 2.40
N GLU A 111 58.05 -9.17 1.36
CA GLU A 111 58.41 -8.41 0.19
C GLU A 111 57.16 -7.81 -0.40
N LYS A 112 56.08 -8.58 -0.39
CA LYS A 112 54.78 -8.09 -0.87
C LYS A 112 54.21 -6.91 -0.11
N VAL A 113 54.46 -6.80 1.19
CA VAL A 113 53.94 -5.65 1.92
C VAL A 113 54.76 -4.43 1.51
N PHE A 114 56.03 -4.65 1.25
CA PHE A 114 56.90 -3.58 0.76
C PHE A 114 56.50 -3.04 -0.61
N ILE A 115 56.06 -3.92 -1.50
CA ILE A 115 55.60 -3.55 -2.85
C ILE A 115 54.28 -2.78 -2.79
N TRP A 116 53.38 -3.24 -1.93
CA TRP A 116 52.09 -2.56 -1.76
C TRP A 116 52.35 -1.14 -1.24
N THR A 117 53.20 -1.03 -0.23
CA THR A 117 53.61 0.29 0.28
C THR A 117 54.10 1.20 -0.85
N GLU A 118 55.09 0.71 -1.60
CA GLU A 118 55.54 1.48 -2.76
C GLU A 118 54.38 1.77 -3.73
N LYS A 119 53.45 0.83 -3.88
CA LYS A 119 52.37 1.01 -4.88
C LYS A 119 51.52 2.19 -4.47
N GLU A 120 51.23 2.23 -3.13
CA GLU A 120 50.36 3.31 -2.67
C GLU A 120 51.13 4.61 -2.95
N PHE A 121 52.36 4.68 -2.59
CA PHE A 121 53.21 5.86 -2.82
C PHE A 121 53.22 6.33 -4.28
N ARG A 122 53.45 5.39 -5.17
CA ARG A 122 53.46 5.71 -6.58
C ARG A 122 52.10 6.19 -7.05
N ASN A 123 51.02 5.58 -6.55
CA ASN A 123 49.69 6.01 -6.88
C ASN A 123 49.41 7.41 -6.41
N LEU A 124 49.79 7.75 -5.17
CA LEU A 124 49.63 9.13 -4.69
C LEU A 124 50.37 10.13 -5.57
N GLU A 125 51.63 9.86 -5.84
CA GLU A 125 52.40 10.75 -6.70
C GLU A 125 51.76 10.95 -8.06
N ARG A 126 51.24 9.87 -8.60
CA ARG A 126 50.63 9.90 -9.96
C ARG A 126 49.35 10.72 -10.00
N ALA A 127 48.58 10.43 -8.95
CA ALA A 127 47.27 11.14 -8.73
C ALA A 127 47.52 12.61 -8.48
N LYS A 128 48.49 12.86 -7.64
CA LYS A 128 48.94 14.21 -7.27
C LYS A 128 49.35 15.00 -8.55
N GLU A 129 50.18 14.38 -9.38
CA GLU A 129 50.71 15.05 -10.60
C GLU A 129 49.58 15.39 -11.58
N ALA A 130 48.57 14.52 -11.61
CA ALA A 130 47.38 14.72 -12.45
C ALA A 130 46.39 15.77 -11.94
N GLY A 131 46.66 16.29 -10.76
CA GLY A 131 45.76 17.29 -10.18
C GLY A 131 44.62 16.74 -9.31
N VAL A 132 44.75 15.49 -8.88
CA VAL A 132 43.70 14.89 -8.05
C VAL A 132 44.03 15.39 -6.64
N SER A 133 43.00 15.64 -5.84
CA SER A 133 43.19 16.03 -4.44
C SER A 133 43.49 14.80 -3.59
N VAL A 134 44.79 14.49 -3.41
CA VAL A 134 45.16 13.51 -2.37
C VAL A 134 46.15 14.16 -1.41
N PRO A 135 46.55 13.45 -0.34
CA PRO A 135 47.60 14.08 0.53
C PRO A 135 48.96 13.96 -0.21
N GLN A 136 49.66 15.14 -0.20
CA GLN A 136 50.95 15.27 -0.93
C GLN A 136 51.82 14.14 -0.30
N PRO A 137 52.32 13.21 -1.16
CA PRO A 137 53.23 12.18 -0.68
C PRO A 137 54.65 12.67 -0.44
N TYR A 138 55.32 12.21 0.63
CA TYR A 138 56.61 12.76 1.05
C TYR A 138 57.67 11.73 0.75
N THR A 139 57.63 10.61 1.48
CA THR A 139 58.56 9.53 1.21
C THR A 139 58.02 8.18 1.64
N TYR A 140 58.75 7.12 1.38
CA TYR A 140 58.35 5.81 1.91
C TYR A 140 59.62 5.04 2.14
N MSE A 141 59.56 4.09 3.04
CA MSE A 141 60.66 3.20 3.33
C MSE A 141 60.07 1.90 3.82
O MSE A 141 59.33 1.89 4.81
CB MSE A 141 61.55 3.77 4.43
CG MSE A 141 62.72 2.82 4.79
SE MSE A 141 64.05 3.74 5.91
CE MSE A 141 64.38 5.28 4.76
N LYS A 142 60.40 0.80 3.17
CA LYS A 142 59.86 -0.51 3.55
C LYS A 142 58.35 -0.41 3.74
N ASN A 143 57.83 -0.66 4.97
CA ASN A 143 56.38 -0.68 5.13
C ASN A 143 55.77 0.62 5.65
N VAL A 144 56.53 1.70 5.61
CA VAL A 144 56.13 2.98 6.17
C VAL A 144 55.99 4.05 5.04
N LEU A 145 54.88 4.76 5.05
CA LEU A 145 54.62 5.79 4.02
C LEU A 145 54.39 7.07 4.76
N LEU A 146 55.02 8.16 4.34
CA LEU A 146 54.85 9.48 5.00
C LEU A 146 54.12 10.41 4.04
N MSE A 147 53.04 11.03 4.46
CA MSE A 147 52.33 11.95 3.56
C MSE A 147 51.78 13.17 4.31
O MSE A 147 51.89 13.25 5.51
CB MSE A 147 51.18 11.20 2.86
CG MSE A 147 49.98 11.01 3.71
SE MSE A 147 48.74 9.65 3.01
CE MSE A 147 49.18 8.23 4.17
N GLU A 148 51.17 14.09 3.60
CA GLU A 148 50.57 15.27 4.20
C GLU A 148 49.46 14.88 5.20
N PHE A 149 49.51 15.45 6.39
CA PHE A 149 48.41 15.32 7.34
C PHE A 149 47.25 16.21 6.90
N ILE A 150 46.09 15.59 6.73
CA ILE A 150 44.90 16.35 6.30
C ILE A 150 44.08 16.57 7.55
N GLY A 151 44.04 17.81 8.01
CA GLY A 151 43.31 18.13 9.23
C GLY A 151 44.00 19.29 9.90
N GLU A 152 43.67 19.54 11.16
CA GLU A 152 44.38 20.59 11.88
C GLU A 152 44.54 20.30 13.36
N ASP A 153 45.65 20.79 13.92
CA ASP A 153 45.93 20.59 15.34
C ASP A 153 45.91 19.13 15.70
N GLU A 154 46.54 18.33 14.84
CA GLU A 154 46.75 16.92 15.10
C GLU A 154 45.43 16.18 15.13
N LEU A 155 44.37 16.83 14.67
CA LEU A 155 43.05 16.21 14.63
C LEU A 155 42.75 15.94 13.15
N PRO A 156 42.63 14.67 12.73
CA PRO A 156 42.37 14.44 11.28
C PRO A 156 41.03 15.00 10.78
N ALA A 157 41.00 15.47 9.54
CA ALA A 157 39.75 15.85 8.90
C ALA A 157 38.86 14.60 8.86
N PRO A 158 37.54 14.79 8.97
CA PRO A 158 36.61 13.67 9.01
C PRO A 158 36.46 13.10 7.62
N THR A 159 36.25 11.79 7.53
CA THR A 159 35.77 11.22 6.29
C THR A 159 34.30 11.55 6.12
N LEU A 160 33.78 11.27 4.95
CA LEU A 160 32.39 11.65 4.69
C LEU A 160 31.39 10.88 5.56
N VAL A 161 31.73 9.63 5.87
CA VAL A 161 30.92 8.87 6.84
C VAL A 161 30.96 9.49 8.23
N GLU A 162 32.08 10.12 8.58
CA GLU A 162 32.24 10.73 9.89
C GLU A 162 31.53 12.07 9.94
N LEU A 163 31.48 12.78 8.81
CA LEU A 163 30.70 14.02 8.76
C LEU A 163 29.25 13.71 9.12
N GLY A 164 28.69 12.75 8.41
CA GLY A 164 27.39 12.22 8.74
C GLY A 164 26.33 13.22 8.43
N ARG A 165 25.33 13.30 9.30
CA ARG A 165 24.21 14.19 9.06
C ARG A 165 24.63 15.65 8.93
N GLU A 166 25.80 15.98 9.47
CA GLU A 166 26.36 17.33 9.32
C GLU A 166 26.56 17.68 7.86
N LEU A 167 26.61 16.67 7.00
CA LEU A 167 26.66 16.90 5.56
C LEU A 167 25.46 17.70 5.09
N LYS A 168 24.34 17.52 5.79
CA LYS A 168 23.10 18.23 5.44
C LYS A 168 23.20 19.73 5.59
N GLU A 169 24.21 20.20 6.31
CA GLU A 169 24.35 21.62 6.57
C GLU A 169 25.44 22.20 5.72
N LEU A 170 25.93 21.41 4.78
CA LEU A 170 26.93 21.84 3.81
C LEU A 170 26.34 21.89 2.41
N ASP A 171 27.16 22.27 1.45
CA ASP A 171 26.67 22.27 0.08
C ASP A 171 26.92 20.88 -0.52
N VAL A 172 25.99 19.95 -0.30
CA VAL A 172 26.29 18.53 -0.56
C VAL A 172 26.47 18.30 -2.03
N GLU A 173 25.71 19.05 -2.81
CA GLU A 173 25.79 18.96 -4.25
C GLU A 173 27.18 19.37 -4.70
N GLY A 174 27.71 20.43 -4.10
CA GLY A 174 29.07 20.89 -4.40
C GLY A 174 30.11 19.85 -4.04
N ILE A 175 29.98 19.23 -2.87
CA ILE A 175 30.87 18.14 -2.47
C ILE A 175 30.81 16.95 -3.45
N PHE A 176 29.60 16.49 -3.76
CA PHE A 176 29.43 15.52 -4.83
C PHE A 176 30.15 15.89 -6.14
N ASN A 177 29.92 17.08 -6.66
CA ASN A 177 30.63 17.50 -7.89
C ASN A 177 32.17 17.50 -7.77
N ASP A 178 32.68 17.81 -6.56
CA ASP A 178 34.14 17.81 -6.22
C ASP A 178 34.62 16.37 -6.31
N VAL A 179 33.80 15.47 -5.79
CA VAL A 179 34.15 14.09 -5.84
C VAL A 179 34.18 13.65 -7.28
N VAL A 180 33.20 14.10 -8.04
CA VAL A 180 33.17 13.63 -9.43
C VAL A 180 34.35 14.18 -10.20
N GLU A 181 34.65 15.45 -10.00
CA GLU A 181 35.77 16.07 -10.73
C GLU A 181 37.08 15.29 -10.46
N ASN A 182 37.29 14.94 -9.20
CA ASN A 182 38.44 14.19 -8.83
C ASN A 182 38.54 12.82 -9.44
N VAL A 183 37.42 12.11 -9.54
CA VAL A 183 37.44 10.79 -10.20
C VAL A 183 37.72 10.94 -11.70
N LYS A 184 37.14 11.99 -12.30
CA LYS A 184 37.35 12.29 -13.72
C LYS A 184 38.85 12.53 -13.97
N ARG A 185 39.46 13.42 -13.19
CA ARG A 185 40.93 13.63 -13.29
C ARG A 185 41.74 12.38 -13.06
N LEU A 186 41.42 11.63 -12.02
CA LEU A 186 42.16 10.40 -11.74
C LEU A 186 42.13 9.46 -12.95
N TYR A 187 40.95 9.32 -13.57
CA TYR A 187 40.79 8.49 -14.77
C TYR A 187 41.46 9.12 -16.02
N GLN A 188 41.11 10.36 -16.32
CA GLN A 188 41.53 10.96 -17.62
C GLN A 188 42.99 11.38 -17.61
N GLU A 189 43.46 11.95 -16.48
CA GLU A 189 44.80 12.46 -16.40
C GLU A 189 45.81 11.57 -15.67
N ALA A 190 45.40 10.84 -14.66
CA ALA A 190 46.34 9.89 -14.06
C ALA A 190 46.24 8.55 -14.69
N GLU A 191 45.19 8.33 -15.47
CA GLU A 191 44.91 6.99 -15.95
C GLU A 191 44.96 5.93 -14.83
N LEU A 192 44.30 6.24 -13.73
CA LEU A 192 44.10 5.29 -12.65
C LEU A 192 42.63 5.15 -12.22
N VAL A 193 42.36 4.06 -11.52
CA VAL A 193 41.08 3.83 -10.89
C VAL A 193 41.39 3.50 -9.44
N HIS A 194 40.74 4.23 -8.54
CA HIS A 194 40.97 4.10 -7.12
C HIS A 194 40.66 2.70 -6.62
N ALA A 195 39.50 2.16 -7.02
CA ALA A 195 39.08 0.76 -6.77
C ALA A 195 38.61 0.46 -5.34
N ASP A 196 38.65 1.47 -4.46
CA ASP A 196 38.01 1.37 -3.12
C ASP A 196 37.46 2.74 -2.72
N LEU A 197 36.91 3.45 -3.68
CA LEU A 197 36.42 4.78 -3.45
C LEU A 197 35.06 4.72 -2.79
N SER A 198 34.93 5.33 -1.61
CA SER A 198 33.65 5.33 -0.90
C SER A 198 33.73 6.43 0.12
N GLU A 199 32.64 6.60 0.87
CA GLU A 199 32.58 7.62 1.92
C GLU A 199 33.55 7.36 3.06
N TYR A 200 33.98 6.12 3.20
CA TYR A 200 35.03 5.76 4.12
C TYR A 200 36.46 6.20 3.70
N ASN A 201 36.64 6.56 2.43
CA ASN A 201 37.99 6.86 1.93
C ASN A 201 38.10 8.22 1.27
N ILE A 202 37.16 9.09 1.61
CA ILE A 202 37.15 10.44 1.19
C ILE A 202 37.09 11.29 2.44
N MSE A 203 37.98 12.25 2.54
CA MSE A 203 38.02 13.16 3.65
C MSE A 203 37.57 14.50 3.14
O MSE A 203 37.55 14.72 1.93
CB MSE A 203 39.43 13.26 4.25
CG MSE A 203 39.94 11.95 4.83
SE MSE A 203 41.74 12.13 5.77
CE MSE A 203 41.12 12.42 7.38
N TYR A 204 37.20 15.38 4.07
CA TYR A 204 36.68 16.69 3.72
C TYR A 204 37.05 17.78 4.71
N ILE A 205 37.79 18.76 4.22
CA ILE A 205 38.05 19.98 4.95
C ILE A 205 38.26 21.09 3.93
N ASP A 206 37.19 21.83 3.67
CA ASP A 206 37.19 22.86 2.64
C ASP A 206 36.98 22.16 1.29
N LYS A 207 37.63 21.02 1.09
CA LYS A 207 37.49 20.27 -0.15
C LYS A 207 37.67 18.79 0.13
N VAL A 208 37.37 17.97 -0.85
CA VAL A 208 37.50 16.55 -0.63
C VAL A 208 38.90 16.16 -0.93
N TYR A 209 39.35 15.11 -0.26
CA TYR A 209 40.62 14.53 -0.51
C TYR A 209 40.35 13.06 -0.63
N PHE A 210 40.99 12.38 -1.58
CA PHE A 210 40.91 10.91 -1.67
C PHE A 210 42.10 10.35 -0.92
N ILE A 211 41.89 9.25 -0.22
CA ILE A 211 42.94 8.56 0.45
C ILE A 211 42.79 7.06 0.24
N ASP A 212 43.79 6.29 0.69
CA ASP A 212 43.75 4.81 0.73
C ASP A 212 43.95 4.21 -0.70
N MSE A 213 45.17 4.21 -1.19
CA MSE A 213 45.34 3.99 -2.63
C MSE A 213 46.37 2.96 -3.02
O MSE A 213 46.83 2.93 -4.16
CB MSE A 213 45.68 5.32 -3.28
CG MSE A 213 44.51 6.30 -3.17
SE MSE A 213 44.79 7.72 -4.47
CE MSE A 213 44.42 6.70 -6.19
N GLY A 214 46.72 2.09 -2.08
CA GLY A 214 47.58 0.98 -2.43
C GLY A 214 46.94 0.10 -3.50
N GLN A 215 45.62 -0.03 -3.48
CA GLN A 215 44.95 -0.93 -4.47
C GLN A 215 44.63 -0.29 -5.81
N ALA A 216 44.83 1.02 -5.94
CA ALA A 216 44.53 1.70 -7.20
C ALA A 216 45.25 1.02 -8.36
N VAL A 217 44.56 0.93 -9.49
CA VAL A 217 45.15 0.30 -10.68
C VAL A 217 45.15 1.24 -11.88
N THR A 218 46.03 0.92 -12.79
CA THR A 218 46.05 1.60 -14.05
C THR A 218 44.97 1.09 -15.05
N LEU A 219 44.70 2.02 -16.01
CA LEU A 219 43.75 1.62 -17.10
C LEU A 219 44.19 0.43 -17.90
N ARG A 220 45.39 -0.10 -17.68
CA ARG A 220 45.84 -1.32 -18.38
C ARG A 220 45.29 -2.59 -17.58
N HIS A 221 45.02 -2.43 -16.29
CA HIS A 221 44.53 -3.55 -15.51
C HIS A 221 43.24 -4.09 -16.13
N PRO A 222 43.15 -5.43 -16.21
CA PRO A 222 41.98 -6.10 -16.77
C PRO A 222 40.65 -5.70 -16.11
N MSE A 223 40.68 -5.48 -14.80
CA MSE A 223 39.47 -5.16 -14.02
C MSE A 223 39.19 -3.66 -13.85
O MSE A 223 38.25 -3.28 -13.15
CB MSE A 223 39.61 -5.80 -12.63
CG MSE A 223 39.66 -7.32 -12.65
SE MSE A 223 37.88 -8.02 -13.00
CE MSE A 223 36.97 -7.37 -11.32
N ALA A 224 40.03 -2.82 -14.46
CA ALA A 224 39.87 -1.36 -14.26
C ALA A 224 38.47 -0.86 -14.46
N GLU A 225 37.85 -1.24 -15.59
CA GLU A 225 36.50 -0.69 -15.84
C GLU A 225 35.49 -1.11 -14.78
N SER A 226 35.57 -2.36 -14.38
CA SER A 226 34.64 -2.89 -13.38
C SER A 226 34.85 -2.28 -12.03
N TYR A 227 36.11 -2.11 -11.63
CA TYR A 227 36.44 -1.27 -10.47
C TYR A 227 35.84 0.14 -10.52
N LEU A 228 36.02 0.84 -11.62
CA LEU A 228 35.47 2.18 -11.80
C LEU A 228 33.95 2.23 -11.65
N GLU A 229 33.25 1.24 -12.19
CA GLU A 229 31.79 1.26 -12.17
C GLU A 229 31.35 1.07 -10.76
N ARG A 230 32.08 0.22 -10.03
CA ARG A 230 31.88 0.04 -8.60
C ARG A 230 32.09 1.34 -7.86
N ASP A 231 33.19 2.02 -8.16
CA ASP A 231 33.44 3.29 -7.49
C ASP A 231 32.26 4.21 -7.76
N VAL A 232 31.86 4.36 -9.02
CA VAL A 232 30.75 5.30 -9.36
C VAL A 232 29.43 4.97 -8.64
N ARG A 233 29.07 3.70 -8.61
CA ARG A 233 27.84 3.30 -7.91
C ARG A 233 27.88 3.65 -6.43
N ASN A 234 29.01 3.44 -5.78
CA ASN A 234 29.17 3.78 -4.33
C ASN A 234 28.96 5.23 -4.05
N ILE A 235 29.53 6.05 -4.90
CA ILE A 235 29.40 7.49 -4.74
C ILE A 235 27.94 7.90 -4.97
N ILE A 236 27.34 7.49 -6.09
CA ILE A 236 25.92 7.71 -6.31
C ILE A 236 25.08 7.22 -5.12
N ARG A 237 25.37 6.02 -4.62
CA ARG A 237 24.56 5.47 -3.51
C ARG A 237 24.72 6.35 -2.27
N PHE A 238 25.96 6.66 -1.92
CA PHE A 238 26.18 7.47 -0.72
C PHE A 238 25.50 8.81 -0.83
N PHE A 239 25.70 9.49 -1.93
CA PHE A 239 25.14 10.83 -2.03
C PHE A 239 23.62 10.92 -2.15
N SER A 240 23.00 9.83 -2.61
CA SER A 240 21.53 9.76 -2.67
C SER A 240 20.91 9.91 -1.27
N LYS A 241 21.61 9.49 -0.23
CA LYS A 241 21.09 9.63 1.13
C LYS A 241 21.04 11.07 1.58
N TYR A 242 21.67 11.95 0.81
CA TYR A 242 21.69 13.37 1.15
C TYR A 242 20.98 14.25 0.15
N GLY A 243 20.23 13.63 -0.73
CA GLY A 243 19.36 14.37 -1.62
C GLY A 243 20.02 14.82 -2.92
N VAL A 244 21.19 14.23 -3.21
CA VAL A 244 21.86 14.46 -4.46
C VAL A 244 21.35 13.45 -5.48
N LYS A 245 20.71 13.94 -6.52
CA LYS A 245 20.16 13.09 -7.56
C LYS A 245 21.22 12.98 -8.68
N ALA A 246 21.58 11.76 -9.05
CA ALA A 246 22.63 11.56 -10.05
C ALA A 246 22.32 10.30 -10.84
N ASP A 247 22.69 10.26 -12.11
CA ASP A 247 22.48 9.04 -12.90
C ASP A 247 23.83 8.33 -13.14
N PHE A 248 23.86 7.02 -12.91
CA PHE A 248 25.01 6.17 -13.24
C PHE A 248 25.56 6.42 -14.66
N GLU A 249 24.70 6.46 -15.67
CA GLU A 249 25.19 6.59 -17.05
C GLU A 249 25.85 7.95 -17.27
N GLU A 250 25.20 9.01 -16.81
CA GLU A 250 25.75 10.38 -16.91
C GLU A 250 27.04 10.55 -16.13
N MSE A 251 27.09 10.06 -14.88
CA MSE A 251 28.34 10.15 -14.13
C MSE A 251 29.50 9.38 -14.77
O MSE A 251 30.63 9.89 -14.87
CB MSE A 251 28.20 9.69 -12.69
CG MSE A 251 29.56 9.57 -12.03
SE MSE A 251 29.48 9.54 -9.99
CE MSE A 251 31.44 9.81 -9.52
N LEU A 252 29.24 8.14 -15.18
CA LEU A 252 30.25 7.33 -15.82
C LEU A 252 30.80 8.02 -17.09
N LYS A 253 29.93 8.47 -17.99
CA LYS A 253 30.40 9.12 -19.21
C LYS A 253 31.13 10.43 -18.97
N GLU A 254 30.79 11.13 -17.89
CA GLU A 254 31.52 12.32 -17.46
C GLU A 254 32.96 11.98 -17.08
N VAL A 255 33.13 10.95 -16.26
CA VAL A 255 34.46 10.51 -15.83
C VAL A 255 35.29 10.08 -17.03
N LYS A 256 34.75 9.17 -17.82
CA LYS A 256 35.48 8.56 -18.91
C LYS A 256 35.57 9.39 -20.17
N GLY A 257 34.94 10.56 -20.19
CA GLY A 257 35.02 11.46 -21.36
C GLY A 257 34.29 11.00 -22.61
N GLU A 258 33.15 10.38 -22.40
CA GLU A 258 32.32 10.03 -23.53
C GLU A 258 31.15 11.01 -23.58
N ASP B 3 6.45 16.34 6.39
CA ASP B 3 6.87 15.36 5.34
C ASP B 3 7.62 14.15 5.93
N LEU B 4 8.65 14.44 6.74
CA LEU B 4 9.49 13.41 7.36
C LEU B 4 8.73 12.51 8.31
N LYS B 5 7.79 13.11 9.04
CA LYS B 5 6.94 12.33 9.92
C LYS B 5 6.21 11.27 9.09
N LYS B 6 5.55 11.68 8.01
CA LYS B 6 4.74 10.72 7.23
C LYS B 6 5.62 9.61 6.64
N ILE B 7 6.76 10.01 6.09
CA ILE B 7 7.72 9.06 5.56
C ILE B 7 8.10 7.96 6.54
N GLU B 8 8.49 8.35 7.76
CA GLU B 8 9.01 7.34 8.71
C GLU B 8 7.89 6.36 9.07
N SER B 9 6.67 6.87 9.18
CA SER B 9 5.54 6.03 9.60
C SER B 9 5.23 5.02 8.53
N TYR B 10 5.30 5.46 7.28
CA TYR B 10 5.06 4.54 6.18
C TYR B 10 6.20 3.56 6.06
N LEU B 11 7.44 4.02 6.21
CA LEU B 11 8.56 3.06 6.23
C LEU B 11 8.33 1.96 7.25
N ASP B 12 7.93 2.35 8.47
CA ASP B 12 7.54 1.37 9.49
C ASP B 12 6.45 0.42 9.02
N LYS B 13 5.41 0.95 8.42
CA LYS B 13 4.30 0.09 7.93
C LYS B 13 4.74 -0.86 6.82
N LEU B 14 5.68 -0.42 5.98
CA LEU B 14 6.18 -1.27 4.90
C LEU B 14 7.26 -2.22 5.39
N ARG B 15 7.57 -2.09 6.67
CA ARG B 15 8.59 -2.94 7.30
C ARG B 15 9.98 -2.78 6.67
N ILE B 16 10.31 -1.53 6.34
CA ILE B 16 11.64 -1.20 5.86
C ILE B 16 12.39 -0.79 7.13
N LYS B 17 13.15 -1.72 7.71
CA LYS B 17 13.74 -1.54 9.06
C LYS B 17 15.18 -1.04 9.09
N GLU B 18 15.59 -0.43 10.19
CA GLU B 18 16.97 0.08 10.27
C GLU B 18 18.01 -1.01 10.00
N LYS B 19 17.68 -2.26 10.37
CA LYS B 19 18.64 -3.36 10.24
C LYS B 19 18.80 -3.82 8.82
N ASP B 20 17.90 -3.40 7.94
CA ASP B 20 18.04 -3.74 6.51
C ASP B 20 19.02 -2.79 5.83
N GLY B 21 20.30 -2.89 6.19
CA GLY B 21 21.33 -2.08 5.56
C GLY B 21 20.98 -0.62 5.47
N GLU B 22 21.41 0.00 4.38
CA GLU B 22 21.16 1.41 4.11
C GLU B 22 19.78 1.64 3.54
N GLU B 23 18.99 0.58 3.34
CA GLU B 23 17.66 0.74 2.70
C GLU B 23 16.78 1.85 3.24
N ARG B 24 16.59 1.88 4.54
CA ARG B 24 15.67 2.84 5.11
C ARG B 24 16.10 4.26 4.84
N LYS B 25 17.39 4.52 5.00
CA LYS B 25 17.94 5.86 4.77
C LYS B 25 17.72 6.27 3.28
N ILE B 26 17.96 5.33 2.36
CA ILE B 26 17.76 5.61 0.92
C ILE B 26 16.28 5.83 0.58
N TYR B 27 15.44 4.87 0.89
CA TYR B 27 13.98 5.09 0.71
C TYR B 27 13.52 6.44 1.23
N ALA B 28 13.92 6.79 2.47
CA ALA B 28 13.45 8.05 3.07
C ALA B 28 13.89 9.31 2.34
N GLU B 29 15.06 9.25 1.70
CA GLU B 29 15.52 10.39 0.94
C GLU B 29 14.98 10.47 -0.48
N VAL B 30 14.81 9.34 -1.17
CA VAL B 30 14.52 9.39 -2.61
C VAL B 30 13.03 9.35 -2.90
N LEU B 31 12.25 8.91 -1.90
CA LEU B 31 10.78 8.81 -2.01
C LEU B 31 10.06 9.85 -1.17
N ASP B 32 8.80 10.09 -1.49
CA ASP B 32 8.06 11.03 -0.70
C ASP B 32 6.85 10.37 -0.04
N GLY B 33 6.17 11.10 0.84
CA GLY B 33 5.11 10.49 1.62
C GLY B 33 4.00 9.96 0.75
N ARG B 34 3.65 10.73 -0.27
CA ARG B 34 2.57 10.30 -1.11
C ARG B 34 2.92 9.05 -1.91
N THR B 35 4.18 8.93 -2.31
CA THR B 35 4.62 7.74 -3.02
C THR B 35 4.56 6.53 -2.12
N LEU B 36 4.93 6.71 -0.85
CA LEU B 36 4.95 5.59 0.06
C LEU B 36 3.53 5.13 0.34
N LYS B 37 2.62 6.09 0.45
CA LYS B 37 1.20 5.76 0.59
C LYS B 37 0.68 4.91 -0.57
N THR B 38 1.17 5.17 -1.78
CA THR B 38 0.81 4.37 -2.94
C THR B 38 1.36 2.95 -2.76
N LEU B 39 2.63 2.83 -2.34
CA LEU B 39 3.20 1.45 -2.21
C LEU B 39 2.41 0.66 -1.17
N TYR B 40 2.01 1.35 -0.11
CA TYR B 40 1.24 0.73 0.96
C TYR B 40 -0.11 0.25 0.44
N LYS B 41 -0.74 1.04 -0.42
CA LYS B 41 -2.01 0.68 -1.06
C LYS B 41 -1.82 -0.48 -2.02
N LEU B 42 -0.72 -0.46 -2.76
CA LEU B 42 -0.43 -1.61 -3.60
C LEU B 42 -0.22 -2.83 -2.70
N SER B 43 0.24 -2.58 -1.48
CA SER B 43 0.44 -3.68 -0.53
C SER B 43 -0.90 -4.14 -0.02
N ALA B 44 -1.73 -3.21 0.43
CA ALA B 44 -3.05 -3.60 0.97
C ALA B 44 -3.76 -4.47 -0.05
N LYS B 45 -3.70 -4.05 -1.33
CA LYS B 45 -4.38 -4.70 -2.46
C LYS B 45 -3.93 -6.13 -2.80
N GLY B 46 -2.72 -6.52 -2.44
CA GLY B 46 -2.25 -7.87 -2.72
C GLY B 46 -1.05 -7.94 -3.67
N TYR B 47 -0.73 -6.84 -4.33
CA TYR B 47 0.33 -6.87 -5.33
C TYR B 47 1.74 -7.00 -4.76
N ILE B 48 1.99 -6.23 -3.70
CA ILE B 48 3.26 -6.25 -3.01
C ILE B 48 3.12 -6.96 -1.68
N THR B 49 4.01 -7.90 -1.44
CA THR B 49 4.04 -8.62 -0.15
C THR B 49 5.16 -8.06 0.73
N ALA B 50 6.33 -7.80 0.15
CA ALA B 50 7.41 -7.19 0.92
C ALA B 50 8.33 -6.34 0.03
N MSE B 51 8.45 -5.05 0.32
CA MSE B 51 9.48 -4.20 -0.32
C MSE B 51 10.86 -4.66 0.12
O MSE B 51 11.06 -5.00 1.31
CB MSE B 51 9.34 -2.74 0.10
CG MSE B 51 8.14 -1.94 -0.45
SE MSE B 51 7.86 -2.13 -2.36
CE MSE B 51 9.46 -1.03 -3.14
N GLY B 52 11.82 -4.57 -0.78
CA GLY B 52 13.17 -5.12 -0.62
C GLY B 52 14.25 -4.08 -0.87
N GLY B 53 15.36 -4.52 -1.41
CA GLY B 53 16.53 -3.63 -1.51
C GLY B 53 16.38 -2.59 -2.59
N VAL B 54 17.24 -1.58 -2.52
CA VAL B 54 17.29 -0.55 -3.54
C VAL B 54 18.06 -1.14 -4.74
N ILE B 55 17.52 -0.99 -5.94
CA ILE B 55 18.21 -1.49 -7.12
C ILE B 55 18.95 -0.40 -7.86
N SER B 56 18.28 0.73 -8.05
CA SER B 56 18.87 1.86 -8.74
C SER B 56 18.26 3.18 -8.22
N THR B 57 19.06 4.23 -8.09
CA THR B 57 18.52 5.57 -7.81
C THR B 57 19.00 6.57 -8.85
N GLY B 58 18.14 7.49 -9.30
CA GLY B 58 18.44 8.24 -10.49
C GLY B 58 17.86 9.64 -10.44
N LYS B 59 18.10 10.44 -11.47
CA LYS B 59 17.42 11.75 -11.50
C LYS B 59 15.95 11.65 -11.84
N GLU B 60 15.54 10.56 -12.50
CA GLU B 60 14.15 10.47 -12.98
C GLU B 60 13.39 9.41 -12.21
N ALA B 61 14.08 8.35 -11.82
CA ALA B 61 13.37 7.21 -11.32
C ALA B 61 14.18 6.49 -10.27
N ASN B 62 13.49 5.81 -9.35
CA ASN B 62 14.15 4.87 -8.45
C ASN B 62 13.56 3.47 -8.66
N VAL B 63 14.39 2.45 -8.57
CA VAL B 63 13.95 1.07 -8.76
C VAL B 63 14.28 0.21 -7.54
N PHE B 64 13.34 -0.64 -7.13
CA PHE B 64 13.47 -1.38 -5.87
C PHE B 64 13.04 -2.82 -6.12
N TYR B 65 13.57 -3.76 -5.34
CA TYR B 65 13.12 -5.13 -5.38
C TYR B 65 11.85 -5.23 -4.50
N ALA B 66 10.89 -6.05 -4.93
CA ALA B 66 9.82 -6.44 -4.01
C ALA B 66 9.45 -7.90 -4.23
N ASP B 67 9.00 -8.57 -3.20
CA ASP B 67 8.29 -9.83 -3.43
C ASP B 67 6.81 -9.45 -3.57
N GLY B 68 6.05 -10.19 -4.35
CA GLY B 68 4.67 -9.76 -4.59
C GLY B 68 3.87 -10.90 -5.16
N VAL B 69 2.68 -10.56 -5.65
CA VAL B 69 1.78 -11.54 -6.18
C VAL B 69 1.21 -11.01 -7.45
N PHE B 70 1.26 -11.86 -8.46
CA PHE B 70 0.65 -11.52 -9.74
C PHE B 70 -0.11 -12.68 -10.38
N ASP B 71 -1.34 -12.41 -10.80
CA ASP B 71 -2.15 -13.42 -11.47
C ASP B 71 -2.23 -14.68 -10.61
N GLY B 72 -2.37 -14.52 -9.30
CA GLY B 72 -2.59 -15.64 -8.38
C GLY B 72 -1.33 -16.35 -7.92
N LYS B 73 -0.14 -15.85 -8.27
CA LYS B 73 1.04 -16.58 -7.83
C LYS B 73 2.14 -15.64 -7.36
N PRO B 74 2.95 -16.08 -6.38
CA PRO B 74 4.03 -15.21 -5.98
C PRO B 74 5.00 -14.89 -7.12
N VAL B 75 5.54 -13.66 -7.14
CA VAL B 75 6.47 -13.26 -8.17
C VAL B 75 7.50 -12.30 -7.53
N ALA B 76 8.65 -12.23 -8.18
CA ALA B 76 9.71 -11.30 -7.80
C ALA B 76 9.50 -10.10 -8.70
N MSE B 77 9.51 -8.89 -8.12
CA MSE B 77 9.15 -7.73 -8.87
C MSE B 77 10.23 -6.68 -8.85
O MSE B 77 10.92 -6.52 -7.83
CB MSE B 77 7.88 -7.08 -8.27
CG MSE B 77 6.67 -7.94 -8.27
SE MSE B 77 5.21 -6.94 -7.45
CE MSE B 77 3.82 -7.99 -8.35
N ALA B 78 10.37 -5.95 -9.97
CA ALA B 78 11.02 -4.62 -9.96
C ALA B 78 9.91 -3.59 -9.78
N VAL B 79 10.14 -2.66 -8.88
CA VAL B 79 9.18 -1.63 -8.56
C VAL B 79 9.88 -0.34 -9.02
N LYS B 80 9.43 0.20 -10.14
CA LYS B 80 10.02 1.44 -10.64
C LYS B 80 9.16 2.66 -10.26
N ILE B 81 9.76 3.77 -9.77
CA ILE B 81 8.98 4.86 -9.25
C ILE B 81 9.53 6.13 -9.83
N TYR B 82 8.69 6.89 -10.51
CA TYR B 82 9.17 8.09 -11.09
C TYR B 82 9.07 9.18 -10.02
N ARG B 83 10.05 10.06 -9.99
CA ARG B 83 10.02 11.14 -9.03
C ARG B 83 8.95 12.14 -9.42
N ILE B 84 8.23 12.65 -8.43
CA ILE B 84 7.25 13.68 -8.74
C ILE B 84 7.79 15.10 -8.49
N ASP B 93 9.42 16.42 -22.94
CA ASP B 93 8.25 16.67 -23.80
C ASP B 93 8.43 16.17 -25.21
N GLU B 94 9.67 16.22 -25.74
CA GLU B 94 9.93 15.60 -27.05
C GLU B 94 9.22 14.24 -27.17
N TYR B 95 9.39 13.40 -26.14
CA TYR B 95 8.89 12.02 -26.15
C TYR B 95 7.45 11.85 -25.72
N LEU B 96 6.89 12.94 -25.21
CA LEU B 96 5.52 12.93 -24.69
C LEU B 96 4.56 13.51 -25.75
N TYR B 97 4.85 14.74 -26.17
CA TYR B 97 4.11 15.43 -27.23
C TYR B 97 4.56 14.95 -28.61
N GLY B 98 3.60 14.72 -29.50
CA GLY B 98 3.91 14.00 -30.73
C GLY B 98 3.44 12.57 -30.65
N ASP B 99 3.33 12.05 -29.41
CA ASP B 99 2.73 10.74 -29.21
C ASP B 99 1.22 10.91 -28.97
N GLU B 100 0.47 10.74 -30.05
CA GLU B 100 -0.92 11.15 -30.09
C GLU B 100 -1.78 10.24 -29.23
N ARG B 101 -1.18 9.16 -28.73
CA ARG B 101 -1.88 8.29 -27.82
C ARG B 101 -2.28 9.00 -26.56
N PHE B 102 -1.53 10.01 -26.14
CA PHE B 102 -1.85 10.74 -24.89
C PHE B 102 -2.31 12.17 -25.13
N LYS B 110 2.72 18.87 -13.86
CA LYS B 110 2.20 18.37 -12.59
C LYS B 110 1.88 16.86 -12.64
N GLU B 111 0.87 16.54 -13.45
CA GLU B 111 0.36 15.17 -13.61
C GLU B 111 1.08 14.53 -14.78
N LYS B 112 2.07 15.22 -15.29
CA LYS B 112 2.84 14.73 -16.43
C LYS B 112 3.57 13.43 -16.03
N VAL B 113 3.88 13.29 -14.74
CA VAL B 113 4.69 12.12 -14.29
C VAL B 113 3.79 10.86 -14.31
N PHE B 114 2.53 11.06 -14.03
CA PHE B 114 1.54 9.95 -14.06
C PHE B 114 1.32 9.43 -15.48
N ILE B 115 1.27 10.33 -16.45
CA ILE B 115 1.16 9.98 -17.86
C ILE B 115 2.39 9.25 -18.36
N TRP B 116 3.56 9.73 -17.97
CA TRP B 116 4.82 9.06 -18.35
C TRP B 116 4.85 7.65 -17.77
N THR B 117 4.42 7.54 -16.51
CA THR B 117 4.35 6.22 -15.92
C THR B 117 3.42 5.26 -16.72
N GLU B 118 2.22 5.71 -17.04
CA GLU B 118 1.27 4.92 -17.85
C GLU B 118 1.85 4.63 -19.23
N LYS B 119 2.59 5.60 -19.79
CA LYS B 119 3.19 5.44 -21.10
C LYS B 119 4.23 4.32 -21.09
N GLU B 120 5.03 4.21 -20.03
CA GLU B 120 6.02 3.11 -19.99
C GLU B 120 5.26 1.77 -19.87
N PHE B 121 4.32 1.71 -18.95
CA PHE B 121 3.47 0.53 -18.78
C PHE B 121 2.85 0.06 -20.11
N ARG B 122 2.25 1.01 -20.84
CA ARG B 122 1.58 0.69 -22.09
C ARG B 122 2.57 0.28 -23.14
N ASN B 123 3.74 0.91 -23.09
CA ASN B 123 4.79 0.57 -24.05
C ASN B 123 5.31 -0.82 -23.76
N LEU B 124 5.38 -1.15 -22.49
CA LEU B 124 5.88 -2.50 -22.14
C LEU B 124 4.85 -3.55 -22.56
N GLU B 125 3.59 -3.26 -22.37
CA GLU B 125 2.55 -4.25 -22.71
C GLU B 125 2.60 -4.44 -24.21
N ARG B 126 2.85 -3.35 -24.94
CA ARG B 126 2.84 -3.43 -26.39
C ARG B 126 4.02 -4.22 -26.97
N ALA B 127 5.18 -3.99 -26.40
CA ALA B 127 6.40 -4.67 -26.80
C ALA B 127 6.22 -6.12 -26.45
N LYS B 128 5.75 -6.43 -25.24
CA LYS B 128 5.62 -7.87 -24.90
C LYS B 128 4.66 -8.64 -25.83
N GLU B 129 3.56 -8.00 -26.17
CA GLU B 129 2.56 -8.63 -27.03
C GLU B 129 3.17 -8.89 -28.39
N ALA B 130 4.10 -8.05 -28.83
CA ALA B 130 4.75 -8.23 -30.12
C ALA B 130 5.92 -9.20 -30.10
N GLY B 131 6.19 -9.79 -28.93
CA GLY B 131 7.24 -10.81 -28.83
C GLY B 131 8.61 -10.22 -28.56
N VAL B 132 8.65 -8.96 -28.11
CA VAL B 132 9.90 -8.30 -27.71
C VAL B 132 10.16 -8.75 -26.28
N SER B 133 11.42 -9.07 -26.00
CA SER B 133 11.81 -9.50 -24.67
C SER B 133 11.91 -8.26 -23.82
N VAL B 134 10.85 -7.97 -23.06
CA VAL B 134 10.87 -6.96 -22.01
C VAL B 134 10.37 -7.58 -20.72
N PRO B 135 10.60 -6.92 -19.57
CA PRO B 135 10.04 -7.53 -18.38
C PRO B 135 8.52 -7.57 -18.46
N GLN B 136 7.90 -8.67 -18.00
CA GLN B 136 6.44 -8.74 -17.96
C GLN B 136 5.87 -7.61 -17.13
N PRO B 137 5.03 -6.77 -17.73
CA PRO B 137 4.41 -5.70 -16.95
C PRO B 137 3.24 -6.17 -16.08
N TYR B 138 3.21 -5.77 -14.83
CA TYR B 138 2.17 -6.27 -13.92
C TYR B 138 1.04 -5.30 -13.74
N THR B 139 1.32 -4.18 -13.10
CA THR B 139 0.28 -3.14 -12.87
C THR B 139 0.99 -1.81 -12.70
N TYR B 140 0.25 -0.70 -12.71
CA TYR B 140 0.87 0.57 -12.34
C TYR B 140 -0.15 1.38 -11.56
N MSE B 141 0.31 2.33 -10.77
CA MSE B 141 -0.59 3.19 -10.04
C MSE B 141 0.13 4.48 -9.85
O MSE B 141 1.24 4.49 -9.31
CB MSE B 141 -0.89 2.61 -8.65
CG MSE B 141 -2.02 3.33 -7.93
SE MSE B 141 -2.44 2.49 -6.23
CE MSE B 141 -3.21 0.76 -6.80
N LYS B 142 -0.48 5.59 -10.26
CA LYS B 142 0.16 6.89 -10.16
C LYS B 142 1.61 6.88 -10.73
N ASN B 143 2.62 7.06 -9.86
CA ASN B 143 4.02 7.08 -10.30
C ASN B 143 4.78 5.78 -10.10
N VAL B 144 4.04 4.70 -9.80
CA VAL B 144 4.68 3.40 -9.48
C VAL B 144 4.35 2.33 -10.51
N LEU B 145 5.35 1.62 -10.98
CA LEU B 145 5.14 0.56 -12.01
C LEU B 145 5.69 -0.73 -11.43
N LEU B 146 4.94 -1.76 -11.60
CA LEU B 146 5.44 -3.08 -11.08
C LEU B 146 5.62 -3.98 -12.30
N MSE B 147 6.74 -4.63 -12.37
CA MSE B 147 7.00 -5.47 -13.52
C MSE B 147 7.87 -6.57 -12.98
O MSE B 147 8.31 -6.51 -11.82
CB MSE B 147 7.76 -4.70 -14.62
CG MSE B 147 9.10 -4.22 -14.14
SE MSE B 147 10.02 -3.18 -15.53
CE MSE B 147 10.80 -1.60 -14.60
N GLU B 148 8.11 -7.53 -13.85
CA GLU B 148 8.87 -8.73 -13.56
C GLU B 148 10.31 -8.36 -13.22
N PHE B 149 10.83 -8.92 -12.13
CA PHE B 149 12.21 -8.69 -11.75
C PHE B 149 13.12 -9.52 -12.63
N ILE B 150 14.11 -8.91 -13.29
CA ILE B 150 15.03 -9.68 -14.12
C ILE B 150 16.36 -9.88 -13.37
N GLY B 151 16.60 -11.11 -12.95
CA GLY B 151 17.77 -11.43 -12.12
C GLY B 151 17.41 -12.67 -11.32
N GLU B 152 18.16 -12.97 -10.28
CA GLU B 152 17.75 -14.07 -9.41
C GLU B 152 18.18 -13.76 -7.99
N ASP B 153 17.46 -14.35 -7.04
CA ASP B 153 17.78 -14.13 -5.62
C ASP B 153 17.97 -12.67 -5.26
N GLU B 154 17.20 -11.79 -5.86
CA GLU B 154 17.16 -10.34 -5.53
C GLU B 154 18.35 -9.63 -6.07
N LEU B 155 19.04 -10.31 -6.96
CA LEU B 155 20.19 -9.75 -7.62
C LEU B 155 19.82 -9.52 -9.10
N PRO B 156 19.72 -8.26 -9.52
CA PRO B 156 19.34 -7.92 -10.87
C PRO B 156 20.38 -8.34 -11.86
N ALA B 157 19.92 -8.87 -12.97
CA ALA B 157 20.80 -9.24 -14.05
C ALA B 157 21.55 -7.99 -14.46
N PRO B 158 22.77 -8.16 -15.00
CA PRO B 158 23.62 -7.07 -15.43
C PRO B 158 23.17 -6.46 -16.74
N THR B 159 23.36 -5.15 -16.88
CA THR B 159 23.25 -4.56 -18.22
C THR B 159 24.47 -4.86 -19.05
N LEU B 160 24.39 -4.68 -20.37
CA LEU B 160 25.56 -4.99 -21.18
C LEU B 160 26.74 -4.15 -20.76
N VAL B 161 26.47 -2.94 -20.30
CA VAL B 161 27.57 -2.09 -19.86
C VAL B 161 28.14 -2.68 -18.56
N GLU B 162 27.27 -3.26 -17.72
CA GLU B 162 27.76 -3.88 -16.50
C GLU B 162 28.49 -5.22 -16.71
N LEU B 163 28.09 -6.00 -17.71
CA LEU B 163 28.85 -7.20 -18.04
C LEU B 163 30.27 -6.80 -18.32
N GLY B 164 30.42 -5.83 -19.22
CA GLY B 164 31.70 -5.30 -19.58
C GLY B 164 32.51 -6.38 -20.24
N ARG B 165 33.65 -6.69 -19.63
CA ARG B 165 34.57 -7.66 -20.23
C ARG B 165 34.10 -9.12 -20.18
N GLU B 166 33.21 -9.42 -19.24
CA GLU B 166 32.56 -10.73 -19.16
C GLU B 166 31.95 -11.14 -20.51
N LEU B 167 31.72 -10.15 -21.37
CA LEU B 167 31.04 -10.36 -22.65
C LEU B 167 31.89 -11.20 -23.57
N LYS B 168 33.19 -11.22 -23.31
CA LYS B 168 34.09 -12.05 -24.11
C LYS B 168 34.02 -13.52 -23.70
N GLU B 169 33.44 -13.79 -22.53
CA GLU B 169 33.14 -15.16 -22.12
C GLU B 169 31.75 -15.58 -22.58
N LEU B 170 31.10 -14.74 -23.38
CA LEU B 170 29.75 -15.01 -23.82
C LEU B 170 29.67 -15.04 -25.35
N ASP B 171 28.57 -15.53 -25.89
CA ASP B 171 28.39 -15.52 -27.36
C ASP B 171 27.98 -14.13 -27.81
N VAL B 172 28.90 -13.18 -27.75
CA VAL B 172 28.60 -11.76 -28.10
C VAL B 172 27.98 -11.54 -29.51
N GLU B 173 28.33 -12.39 -30.47
CA GLU B 173 27.68 -12.29 -31.78
C GLU B 173 26.20 -12.70 -31.69
N GLY B 174 25.93 -13.75 -30.90
CA GLY B 174 24.57 -14.18 -30.61
C GLY B 174 23.81 -13.08 -29.89
N ILE B 175 24.41 -12.56 -28.83
CA ILE B 175 23.78 -11.40 -28.16
C ILE B 175 23.44 -10.22 -29.13
N PHE B 176 24.38 -9.82 -29.96
CA PHE B 176 24.09 -8.78 -30.95
C PHE B 176 22.85 -9.16 -31.82
N ASN B 177 22.83 -10.37 -32.31
CA ASN B 177 21.72 -10.85 -33.13
C ASN B 177 20.39 -10.81 -32.33
N ASP B 178 20.43 -11.18 -31.05
CA ASP B 178 19.26 -11.22 -30.19
C ASP B 178 18.83 -9.77 -30.07
N VAL B 179 19.76 -8.83 -29.93
CA VAL B 179 19.39 -7.41 -29.84
C VAL B 179 18.70 -6.96 -31.15
N VAL B 180 19.26 -7.35 -32.28
CA VAL B 180 18.74 -6.90 -33.58
C VAL B 180 17.35 -7.49 -33.77
N GLU B 181 17.21 -8.79 -33.52
CA GLU B 181 15.89 -9.42 -33.64
C GLU B 181 14.84 -8.72 -32.81
N ASN B 182 15.21 -8.31 -31.60
CA ASN B 182 14.32 -7.53 -30.76
C ASN B 182 13.93 -6.17 -31.30
N VAL B 183 14.91 -5.39 -31.81
CA VAL B 183 14.57 -4.11 -32.39
C VAL B 183 13.66 -4.26 -33.63
N LYS B 184 13.95 -5.29 -34.42
CA LYS B 184 13.12 -5.65 -35.58
C LYS B 184 11.65 -5.95 -35.13
N ARG B 185 11.47 -6.82 -34.16
CA ARG B 185 10.12 -7.06 -33.61
C ARG B 185 9.39 -5.84 -33.08
N LEU B 186 10.08 -5.04 -32.29
CA LEU B 186 9.57 -3.78 -31.76
C LEU B 186 9.06 -2.87 -32.87
N TYR B 187 9.86 -2.70 -33.91
CA TYR B 187 9.50 -1.83 -35.04
C TYR B 187 8.39 -2.49 -35.87
N GLN B 188 8.63 -3.71 -36.31
CA GLN B 188 7.69 -4.35 -37.26
C GLN B 188 6.37 -4.79 -36.66
N GLU B 189 6.44 -5.40 -35.47
CA GLU B 189 5.27 -6.01 -34.82
C GLU B 189 4.61 -5.14 -33.72
N ALA B 190 5.41 -4.32 -33.04
CA ALA B 190 4.88 -3.36 -32.06
C ALA B 190 4.67 -2.00 -32.64
N GLU B 191 5.30 -1.72 -33.79
CA GLU B 191 5.31 -0.35 -34.33
C GLU B 191 5.79 0.68 -33.31
N LEU B 192 6.87 0.34 -32.61
CA LEU B 192 7.47 1.24 -31.66
C LEU B 192 8.92 1.38 -31.93
N VAL B 193 9.46 2.51 -31.48
CA VAL B 193 10.87 2.75 -31.46
C VAL B 193 11.28 3.09 -30.01
N HIS B 194 12.27 2.37 -29.51
CA HIS B 194 12.61 2.46 -28.11
C HIS B 194 13.05 3.87 -27.77
N ALA B 195 13.96 4.39 -28.58
CA ALA B 195 14.40 5.79 -28.51
C ALA B 195 15.39 6.16 -27.41
N ASP B 196 15.78 5.20 -26.57
CA ASP B 196 16.94 5.41 -25.69
C ASP B 196 17.67 4.09 -25.57
N LEU B 197 17.79 3.43 -26.72
CA LEU B 197 18.32 2.05 -26.75
C LEU B 197 19.83 2.06 -26.78
N SER B 198 20.44 1.52 -25.73
CA SER B 198 21.87 1.46 -25.66
C SER B 198 22.24 0.40 -24.68
N GLU B 199 23.55 0.20 -24.51
CA GLU B 199 24.06 -0.81 -23.60
C GLU B 199 23.66 -0.55 -22.15
N TYR B 200 23.25 0.67 -21.82
CA TYR B 200 22.81 1.01 -20.47
C TYR B 200 21.37 0.57 -20.23
N ASN B 201 20.61 0.35 -21.30
CA ASN B 201 19.21 -0.04 -21.17
C ASN B 201 18.89 -1.43 -21.71
N ILE B 202 19.89 -2.31 -21.77
CA ILE B 202 19.67 -3.66 -22.22
C ILE B 202 20.27 -4.56 -21.14
N MSE B 203 19.50 -5.53 -20.65
CA MSE B 203 19.96 -6.47 -19.63
C MSE B 203 20.16 -7.80 -20.27
O MSE B 203 19.63 -8.05 -21.32
CB MSE B 203 18.92 -6.60 -18.50
CG MSE B 203 18.53 -5.28 -17.87
SE MSE B 203 17.46 -5.53 -16.13
CE MSE B 203 18.60 -6.46 -15.35
N TYR B 204 20.96 -8.63 -19.62
CA TYR B 204 21.21 -9.94 -20.14
C TYR B 204 21.19 -10.94 -19.03
N ILE B 205 20.43 -12.02 -19.24
CA ILE B 205 20.49 -13.19 -18.37
C ILE B 205 19.90 -14.37 -19.14
N ASP B 206 20.79 -15.16 -19.74
CA ASP B 206 20.47 -16.15 -20.75
C ASP B 206 19.99 -15.59 -22.09
N LYS B 207 19.23 -14.49 -22.04
CA LYS B 207 18.89 -13.74 -23.27
C LYS B 207 18.83 -12.26 -22.92
N VAL B 208 18.78 -11.40 -23.94
CA VAL B 208 18.63 -9.96 -23.69
C VAL B 208 17.20 -9.51 -23.37
N TYR B 209 17.10 -8.49 -22.53
CA TYR B 209 15.83 -7.85 -22.21
C TYR B 209 16.01 -6.37 -22.43
N PHE B 210 15.00 -5.71 -23.02
CA PHE B 210 15.04 -4.26 -23.13
C PHE B 210 14.25 -3.72 -21.96
N ILE B 211 14.76 -2.66 -21.34
CA ILE B 211 14.07 -1.97 -20.28
C ILE B 211 14.06 -0.45 -20.55
N ASP B 212 13.37 0.30 -19.70
CA ASP B 212 13.41 1.77 -19.76
C ASP B 212 12.67 2.28 -20.98
N MSE B 213 11.35 2.37 -20.89
CA MSE B 213 10.59 2.61 -22.13
C MSE B 213 9.53 3.69 -22.05
O MSE B 213 8.66 3.79 -22.90
CB MSE B 213 10.02 1.28 -22.60
CG MSE B 213 11.13 0.34 -22.97
SE MSE B 213 10.36 -1.14 -23.97
CE MSE B 213 10.14 -0.10 -25.82
N GLY B 214 9.60 4.52 -21.02
CA GLY B 214 8.67 5.66 -20.94
C GLY B 214 8.70 6.54 -22.19
N GLN B 215 9.88 6.65 -22.80
CA GLN B 215 10.11 7.54 -23.93
C GLN B 215 9.84 6.91 -25.29
N ALA B 216 9.47 5.63 -25.34
CA ALA B 216 9.31 4.95 -26.63
C ALA B 216 8.14 5.58 -27.36
N VAL B 217 8.23 5.71 -28.67
CA VAL B 217 7.17 6.41 -29.40
C VAL B 217 6.68 5.45 -30.49
N THR B 218 5.50 5.69 -31.03
CA THR B 218 5.00 4.83 -32.09
C THR B 218 5.57 5.33 -33.42
N LEU B 219 5.35 4.59 -34.49
CA LEU B 219 5.87 5.00 -35.79
C LEU B 219 5.11 6.17 -36.37
N ARG B 220 4.08 6.63 -35.65
CA ARG B 220 3.37 7.82 -36.07
C ARG B 220 4.13 9.07 -35.57
N HIS B 221 5.02 8.90 -34.61
CA HIS B 221 5.73 10.05 -34.09
C HIS B 221 6.66 10.64 -35.16
N PRO B 222 6.66 11.98 -35.30
CA PRO B 222 7.48 12.57 -36.37
C PRO B 222 8.99 12.29 -36.24
N MSE B 223 9.47 12.09 -35.02
CA MSE B 223 10.90 11.80 -34.78
C MSE B 223 11.21 10.29 -34.78
O MSE B 223 12.36 9.89 -34.59
CB MSE B 223 11.35 12.43 -33.47
CG MSE B 223 11.29 13.94 -33.48
SE MSE B 223 12.51 14.63 -34.81
CE MSE B 223 14.20 14.12 -33.96
N ALA B 224 10.20 9.44 -34.98
CA ALA B 224 10.43 8.00 -34.91
C ALA B 224 11.58 7.49 -35.70
N GLU B 225 11.66 7.86 -36.98
CA GLU B 225 12.80 7.42 -37.79
C GLU B 225 14.14 7.96 -37.34
N SER B 226 14.21 9.22 -36.94
CA SER B 226 15.49 9.72 -36.45
C SER B 226 15.89 8.99 -35.15
N TYR B 227 14.90 8.67 -34.31
CA TYR B 227 15.14 7.88 -33.08
C TYR B 227 15.66 6.47 -33.32
N LEU B 228 15.05 5.76 -34.26
CA LEU B 228 15.53 4.46 -34.71
C LEU B 228 16.98 4.48 -35.20
N GLU B 229 17.27 5.42 -36.10
CA GLU B 229 18.66 5.52 -36.62
C GLU B 229 19.66 5.65 -35.49
N ARG B 230 19.29 6.42 -34.49
CA ARG B 230 20.16 6.70 -33.36
C ARG B 230 20.32 5.44 -32.52
N ASP B 231 19.21 4.71 -32.33
CA ASP B 231 19.25 3.40 -31.69
C ASP B 231 20.18 2.42 -32.43
N VAL B 232 19.99 2.26 -33.73
CA VAL B 232 20.85 1.38 -34.50
C VAL B 232 22.31 1.83 -34.46
N ARG B 233 22.54 3.13 -34.57
CA ARG B 233 23.93 3.56 -34.45
C ARG B 233 24.55 3.14 -33.13
N ASN B 234 23.82 3.28 -32.02
CA ASN B 234 24.41 2.99 -30.70
C ASN B 234 24.73 1.55 -30.55
N ILE B 235 23.87 0.70 -31.07
CA ILE B 235 24.08 -0.71 -30.95
C ILE B 235 25.31 -1.16 -31.75
N ILE B 236 25.37 -0.78 -33.03
CA ILE B 236 26.58 -1.02 -33.84
C ILE B 236 27.88 -0.59 -33.14
N ARG B 237 27.89 0.63 -32.63
CA ARG B 237 29.08 1.15 -31.93
C ARG B 237 29.46 0.35 -30.66
N PHE B 238 28.47 0.04 -29.82
CA PHE B 238 28.77 -0.73 -28.63
C PHE B 238 29.34 -2.05 -29.01
N PHE B 239 28.70 -2.72 -29.96
CA PHE B 239 29.13 -4.10 -30.25
C PHE B 239 30.43 -4.21 -31.07
N SER B 240 30.80 -3.11 -31.73
CA SER B 240 32.09 -3.08 -32.47
C SER B 240 33.28 -3.19 -31.50
N LYS B 241 33.05 -2.86 -30.22
CA LYS B 241 34.09 -2.90 -29.18
C LYS B 241 34.35 -4.34 -28.76
N TYR B 242 33.48 -5.25 -29.21
CA TYR B 242 33.61 -6.64 -28.88
C TYR B 242 33.76 -7.58 -30.04
N GLY B 243 34.20 -7.05 -31.18
CA GLY B 243 34.54 -7.87 -32.35
C GLY B 243 33.38 -8.08 -33.33
N VAL B 244 32.22 -7.46 -33.06
CA VAL B 244 31.08 -7.74 -33.87
C VAL B 244 31.07 -6.76 -35.02
N LYS B 245 31.13 -7.28 -36.25
CA LYS B 245 31.24 -6.41 -37.40
C LYS B 245 29.86 -6.21 -37.99
N ALA B 246 29.45 -4.97 -38.22
CA ALA B 246 28.14 -4.83 -38.79
C ALA B 246 27.97 -3.51 -39.51
N ASP B 247 27.09 -3.49 -40.50
CA ASP B 247 26.77 -2.27 -41.27
C ASP B 247 25.44 -1.63 -40.83
N PHE B 248 25.52 -0.34 -40.56
CA PHE B 248 24.37 0.50 -40.45
C PHE B 248 23.27 0.25 -41.51
N GLU B 249 23.61 0.30 -42.80
CA GLU B 249 22.56 0.14 -43.84
C GLU B 249 21.86 -1.21 -43.69
N GLU B 250 22.67 -2.25 -43.52
CA GLU B 250 22.14 -3.64 -43.46
C GLU B 250 21.26 -3.81 -42.24
N MSE B 251 21.73 -3.35 -41.10
CA MSE B 251 20.90 -3.42 -39.88
C MSE B 251 19.66 -2.55 -39.94
O MSE B 251 18.60 -2.95 -39.47
CB MSE B 251 21.68 -3.10 -38.60
CG MSE B 251 20.80 -3.24 -37.30
SE MSE B 251 21.69 -2.77 -35.54
CE MSE B 251 20.17 -2.80 -34.25
N LEU B 252 19.75 -1.37 -40.52
CA LEU B 252 18.53 -0.56 -40.57
C LEU B 252 17.48 -1.24 -41.47
N LYS B 253 17.94 -1.74 -42.62
CA LYS B 253 17.01 -2.31 -43.61
C LYS B 253 16.39 -3.56 -43.04
N GLU B 254 17.19 -4.32 -42.31
CA GLU B 254 16.70 -5.55 -41.68
C GLU B 254 15.61 -5.26 -40.65
N VAL B 255 15.79 -4.23 -39.85
CA VAL B 255 14.82 -3.85 -38.82
C VAL B 255 13.56 -3.32 -39.50
N LYS B 256 13.73 -2.55 -40.56
CA LYS B 256 12.60 -1.89 -41.21
C LYS B 256 11.90 -2.76 -42.25
N GLY B 257 12.39 -3.97 -42.46
CA GLY B 257 11.83 -4.88 -43.49
C GLY B 257 12.08 -4.38 -44.91
N GLU B 258 13.21 -3.72 -45.13
CA GLU B 258 13.53 -3.09 -46.43
C GLU B 258 14.69 -3.79 -47.14
N MSE C 1 11.67 -10.22 27.85
CA MSE C 1 11.68 -11.62 27.34
C MSE C 1 11.92 -12.74 28.37
O MSE C 1 11.72 -13.91 28.03
CB MSE C 1 12.54 -11.78 26.08
N LYS C 2 12.27 -12.42 29.62
CA LYS C 2 12.39 -13.48 30.67
C LYS C 2 11.08 -14.24 30.87
N ASP C 3 11.13 -15.56 30.95
CA ASP C 3 9.92 -16.31 31.29
C ASP C 3 9.63 -16.20 32.80
N LEU C 4 8.74 -15.32 33.16
CA LEU C 4 8.43 -15.07 34.56
C LEU C 4 7.52 -16.20 35.04
N LYS C 5 7.80 -16.69 36.23
CA LYS C 5 7.08 -17.83 36.78
C LYS C 5 5.84 -17.45 37.60
N LYS C 6 5.75 -16.20 38.06
CA LYS C 6 4.54 -15.82 38.74
C LYS C 6 3.78 -14.77 37.95
N ILE C 7 2.47 -14.94 37.91
CA ILE C 7 1.53 -14.00 37.26
C ILE C 7 1.68 -12.58 37.80
N GLU C 8 1.93 -12.48 39.09
CA GLU C 8 2.06 -11.22 39.76
C GLU C 8 3.30 -10.44 39.29
N SER C 9 4.36 -11.14 38.91
CA SER C 9 5.54 -10.49 38.33
C SER C 9 5.14 -9.84 37.01
N TYR C 10 4.29 -10.49 36.23
CA TYR C 10 3.90 -9.84 34.98
C TYR C 10 3.08 -8.62 35.20
N LEU C 11 2.13 -8.70 36.13
CA LEU C 11 1.32 -7.54 36.43
C LEU C 11 2.21 -6.36 36.86
N ASP C 12 3.26 -6.66 37.61
CA ASP C 12 4.23 -5.65 38.06
C ASP C 12 4.98 -4.98 36.91
N LYS C 13 5.41 -5.76 35.92
CA LYS C 13 6.09 -5.21 34.75
C LYS C 13 5.20 -4.26 33.94
N LEU C 14 3.90 -4.57 33.97
CA LEU C 14 2.89 -3.90 33.14
C LEU C 14 2.37 -2.70 33.88
N ARG C 15 2.91 -2.51 35.08
CA ARG C 15 2.64 -1.36 35.95
C ARG C 15 1.22 -1.31 36.51
N ILE C 16 0.61 -2.49 36.65
CA ILE C 16 -0.74 -2.58 37.21
C ILE C 16 -0.59 -2.62 38.74
N LYS C 17 -1.00 -1.53 39.40
CA LYS C 17 -0.65 -1.37 40.82
C LYS C 17 -1.55 -2.16 41.77
N GLU C 18 -0.90 -2.95 42.63
CA GLU C 18 -1.61 -3.74 43.65
C GLU C 18 -2.61 -2.87 44.39
N LYS C 19 -2.33 -1.58 44.52
CA LYS C 19 -3.31 -0.61 44.99
C LYS C 19 -4.58 -0.83 44.19
N ASP C 20 -4.43 -0.90 42.88
CA ASP C 20 -5.58 -1.08 41.97
C ASP C 20 -6.04 -2.55 41.96
N GLY C 21 -6.72 -2.93 43.05
CA GLY C 21 -7.13 -4.31 43.28
C GLY C 21 -8.09 -4.92 42.27
N GLU C 22 -9.13 -4.16 41.91
CA GLU C 22 -10.09 -4.55 40.90
C GLU C 22 -9.36 -4.90 39.61
N GLU C 23 -8.65 -3.92 39.04
CA GLU C 23 -7.84 -4.15 37.84
C GLU C 23 -6.96 -5.38 37.98
N ARG C 24 -6.19 -5.45 39.06
CA ARG C 24 -5.35 -6.62 39.28
C ARG C 24 -6.11 -7.95 39.19
N LYS C 25 -7.19 -8.04 39.94
CA LYS C 25 -8.02 -9.26 39.95
C LYS C 25 -8.61 -9.62 38.57
N ILE C 26 -9.13 -8.63 37.87
CA ILE C 26 -9.63 -8.82 36.49
C ILE C 26 -8.53 -9.30 35.54
N TYR C 27 -7.45 -8.53 35.46
CA TYR C 27 -6.33 -8.96 34.62
C TYR C 27 -5.89 -10.40 34.85
N ALA C 28 -5.75 -10.78 36.11
CA ALA C 28 -5.29 -12.13 36.44
C ALA C 28 -6.35 -13.18 36.10
N GLU C 29 -7.62 -12.82 36.16
CA GLU C 29 -8.68 -13.79 35.82
C GLU C 29 -8.90 -13.95 34.32
N VAL C 30 -8.89 -12.84 33.61
CA VAL C 30 -9.24 -12.85 32.21
C VAL C 30 -8.07 -13.10 31.26
N LEU C 31 -6.84 -12.89 31.73
CA LEU C 31 -5.66 -13.15 30.90
C LEU C 31 -4.84 -14.38 31.31
N ASP C 32 -4.35 -15.15 30.34
CA ASP C 32 -3.49 -16.27 30.69
C ASP C 32 -2.02 -15.88 30.75
N GLY C 33 -1.18 -16.77 31.27
CA GLY C 33 0.23 -16.44 31.40
C GLY C 33 0.91 -16.14 30.06
N ARG C 34 0.53 -16.86 29.01
CA ARG C 34 1.12 -16.60 27.70
C ARG C 34 0.74 -15.24 27.16
N THR C 35 -0.48 -14.79 27.46
CA THR C 35 -0.90 -13.48 27.03
C THR C 35 -0.16 -12.40 27.81
N LEU C 36 -0.04 -12.58 29.12
CA LEU C 36 0.76 -11.62 29.91
C LEU C 36 2.21 -11.54 29.41
N LYS C 37 2.80 -12.69 29.10
CA LYS C 37 4.15 -12.69 28.46
C LYS C 37 4.19 -11.89 27.15
N THR C 38 3.12 -11.98 26.39
CA THR C 38 3.05 -11.21 25.15
C THR C 38 3.05 -9.75 25.48
N LEU C 39 2.26 -9.35 26.48
CA LEU C 39 2.16 -7.92 26.81
C LEU C 39 3.50 -7.46 27.36
N TYR C 40 4.17 -8.34 28.11
CA TYR C 40 5.48 -7.95 28.64
C TYR C 40 6.48 -7.73 27.51
N LYS C 41 6.53 -8.65 26.55
CA LYS C 41 7.35 -8.49 25.33
C LYS C 41 7.06 -7.17 24.65
N LEU C 42 5.79 -6.86 24.47
CA LEU C 42 5.43 -5.55 23.92
C LEU C 42 5.84 -4.38 24.81
N SER C 43 5.77 -4.58 26.12
CA SER C 43 6.31 -3.57 26.99
C SER C 43 7.82 -3.38 26.77
N ALA C 44 8.59 -4.49 26.82
CA ALA C 44 10.04 -4.37 26.81
C ALA C 44 10.48 -3.77 25.50
N LYS C 45 9.78 -4.11 24.43
CA LYS C 45 10.09 -3.57 23.12
C LYS C 45 9.83 -2.07 23.00
N GLY C 46 9.02 -1.49 23.88
CA GLY C 46 8.83 -0.05 23.85
C GLY C 46 7.43 0.42 23.47
N TYR C 47 6.57 -0.51 23.05
CA TYR C 47 5.18 -0.18 22.65
C TYR C 47 4.24 0.17 23.79
N ILE C 48 4.28 -0.59 24.88
CA ILE C 48 3.38 -0.39 26.03
C ILE C 48 4.18 0.16 27.20
N THR C 49 3.78 1.33 27.73
CA THR C 49 4.45 1.91 28.89
C THR C 49 3.83 1.43 30.21
N ALA C 50 2.52 1.64 30.34
CA ALA C 50 1.79 1.20 31.53
C ALA C 50 0.42 0.71 31.07
N MSE C 51 -0.01 -0.45 31.58
CA MSE C 51 -1.39 -0.94 31.39
C MSE C 51 -2.35 -0.26 32.35
O MSE C 51 -2.04 -0.10 33.54
CB MSE C 51 -1.49 -2.45 31.55
CG MSE C 51 -0.69 -3.24 30.55
SE MSE C 51 -1.49 -3.33 28.76
CE MSE C 51 -3.27 -4.07 29.12
N GLY C 52 -3.53 0.14 31.84
CA GLY C 52 -4.47 0.94 32.64
C GLY C 52 -5.84 0.29 32.90
N GLY C 53 -6.93 1.06 32.90
CA GLY C 53 -8.22 0.49 33.20
C GLY C 53 -8.76 -0.59 32.28
N VAL C 54 -9.59 -1.48 32.85
CA VAL C 54 -10.30 -2.48 32.05
C VAL C 54 -11.46 -1.77 31.34
N ILE C 55 -11.52 -1.89 30.00
CA ILE C 55 -12.58 -1.19 29.22
C ILE C 55 -13.75 -2.12 28.87
N SER C 56 -13.46 -3.35 28.50
CA SER C 56 -14.51 -4.30 28.17
C SER C 56 -14.02 -5.69 28.46
N THR C 57 -14.87 -6.53 29.04
CA THR C 57 -14.52 -7.94 29.14
C THR C 57 -15.64 -8.76 28.51
N GLY C 58 -15.31 -9.55 27.49
CA GLY C 58 -16.30 -10.32 26.73
C GLY C 58 -15.99 -11.78 26.50
N LYS C 59 -16.84 -12.45 25.73
CA LYS C 59 -16.59 -13.85 25.38
C LYS C 59 -15.45 -14.07 24.42
N GLU C 60 -15.18 -13.14 23.53
CA GLU C 60 -14.10 -13.41 22.61
C GLU C 60 -12.94 -12.48 22.88
N ALA C 61 -13.21 -11.29 23.35
CA ALA C 61 -12.14 -10.30 23.55
C ALA C 61 -12.26 -9.49 24.83
N ASN C 62 -11.11 -8.96 25.24
CA ASN C 62 -11.01 -8.02 26.36
C ASN C 62 -10.29 -6.80 25.91
N VAL C 63 -10.71 -5.64 26.40
CA VAL C 63 -10.14 -4.39 26.02
C VAL C 63 -9.68 -3.59 27.23
N PHE C 64 -8.48 -3.01 27.11
CA PHE C 64 -7.85 -2.28 28.20
C PHE C 64 -7.34 -0.95 27.67
N TYR C 65 -7.26 0.03 28.57
CA TYR C 65 -6.51 1.25 28.28
C TYR C 65 -5.04 0.99 28.55
N ALA C 66 -4.19 1.62 27.74
CA ALA C 66 -2.78 1.65 28.03
C ALA C 66 -2.19 2.94 27.56
N ASP C 67 -1.14 3.36 28.25
CA ASP C 67 -0.23 4.35 27.70
C ASP C 67 0.90 3.64 26.95
N GLY C 68 1.24 4.16 25.78
CA GLY C 68 2.22 3.51 24.93
C GLY C 68 3.05 4.50 24.16
N VAL C 69 3.78 3.98 23.18
CA VAL C 69 4.61 4.79 22.33
C VAL C 69 4.48 4.25 20.93
N PHE C 70 4.16 5.13 19.99
CA PHE C 70 4.04 4.74 18.59
C PHE C 70 4.67 5.75 17.62
N ASP C 71 5.40 5.25 16.61
CA ASP C 71 6.08 6.14 15.68
C ASP C 71 6.94 7.04 16.56
N GLY C 72 7.45 6.45 17.64
CA GLY C 72 8.42 7.05 18.55
C GLY C 72 7.91 8.03 19.59
N LYS C 73 6.63 8.36 19.53
CA LYS C 73 6.05 9.34 20.44
C LYS C 73 4.94 8.76 21.35
N PRO C 74 4.72 9.37 22.51
CA PRO C 74 3.72 8.78 23.42
C PRO C 74 2.29 8.84 22.86
N VAL C 75 1.53 7.77 23.10
CA VAL C 75 0.15 7.73 22.66
C VAL C 75 -0.72 7.05 23.71
N ALA C 76 -2.01 7.40 23.71
CA ALA C 76 -3.02 6.64 24.49
C ALA C 76 -3.57 5.52 23.60
N MSE C 77 -3.65 4.30 24.16
CA MSE C 77 -4.01 3.14 23.39
C MSE C 77 -5.22 2.38 23.95
O MSE C 77 -5.47 2.36 25.18
CB MSE C 77 -2.82 2.16 23.34
CG MSE C 77 -1.55 2.81 22.80
SE MSE C 77 -0.22 1.31 22.89
CE MSE C 77 0.88 1.81 21.47
N ALA C 78 -5.92 1.71 23.03
CA ALA C 78 -6.81 0.63 23.41
C ALA C 78 -6.04 -0.62 23.09
N VAL C 79 -5.99 -1.54 24.05
CA VAL C 79 -5.30 -2.79 23.81
C VAL C 79 -6.35 -3.87 23.79
N LYS C 80 -6.61 -4.46 22.64
CA LYS C 80 -7.61 -5.50 22.53
C LYS C 80 -6.95 -6.88 22.47
N ILE C 81 -7.40 -7.77 23.33
CA ILE C 81 -6.82 -9.09 23.43
C ILE C 81 -7.88 -10.18 23.24
N TYR C 82 -7.68 -11.02 22.24
CA TYR C 82 -8.56 -12.14 21.96
C TYR C 82 -8.22 -13.29 22.85
N ARG C 83 -9.25 -13.83 23.49
CA ARG C 83 -9.11 -15.05 24.28
C ARG C 83 -8.68 -16.20 23.38
N ILE C 84 -7.64 -16.91 23.82
CA ILE C 84 -7.17 -18.05 23.06
C ILE C 84 -7.92 -19.29 23.51
N MSE C 92 -16.07 -17.48 13.50
CA MSE C 92 -14.80 -17.15 12.83
C MSE C 92 -14.67 -17.79 11.44
O MSE C 92 -14.25 -17.14 10.48
CB MSE C 92 -13.59 -17.52 13.71
CG MSE C 92 -13.16 -16.42 14.69
SE MSE C 92 -11.33 -16.67 15.44
CE MSE C 92 -10.37 -17.00 13.75
N ASP C 93 -15.01 -19.08 11.36
CA ASP C 93 -14.91 -19.86 10.12
C ASP C 93 -15.42 -19.16 8.88
N GLU C 94 -16.69 -18.73 8.90
CA GLU C 94 -17.29 -18.11 7.73
C GLU C 94 -16.57 -16.86 7.27
N TYR C 95 -15.84 -16.22 8.18
CA TYR C 95 -15.17 -14.94 7.90
C TYR C 95 -13.72 -15.08 7.51
N LEU C 96 -13.17 -16.28 7.75
CA LEU C 96 -11.81 -16.60 7.34
C LEU C 96 -11.87 -17.32 5.99
N TYR C 97 -12.33 -18.57 6.01
CA TYR C 97 -12.53 -19.29 4.77
C TYR C 97 -13.28 -18.40 3.77
N GLY C 98 -12.53 -17.79 2.85
CA GLY C 98 -13.12 -16.96 1.79
C GLY C 98 -12.17 -15.86 1.39
N ASP C 99 -11.29 -15.50 2.31
CA ASP C 99 -10.30 -14.44 2.08
C ASP C 99 -9.03 -14.96 1.40
N LYS C 110 -6.35 -23.56 16.67
CA LYS C 110 -5.58 -23.29 17.88
C LYS C 110 -4.69 -22.06 17.69
N GLU C 111 -4.37 -21.78 16.42
CA GLU C 111 -3.60 -20.61 16.00
C GLU C 111 -4.49 -19.70 15.14
N LYS C 112 -5.74 -20.11 15.01
CA LYS C 112 -6.74 -19.36 14.28
C LYS C 112 -6.96 -17.97 14.90
N VAL C 113 -6.91 -17.90 16.22
CA VAL C 113 -7.01 -16.64 16.96
C VAL C 113 -5.89 -15.64 16.57
N PHE C 114 -4.69 -16.13 16.31
CA PHE C 114 -3.60 -15.24 15.86
C PHE C 114 -3.87 -14.69 14.44
N ILE C 115 -4.46 -15.52 13.59
CA ILE C 115 -4.82 -15.07 12.25
C ILE C 115 -5.96 -14.08 12.37
N TRP C 116 -6.90 -14.36 13.26
CA TRP C 116 -8.03 -13.43 13.46
C TRP C 116 -7.54 -12.03 13.87
N THR C 117 -6.60 -12.01 14.81
CA THR C 117 -6.00 -10.76 15.34
C THR C 117 -5.26 -10.05 14.23
N GLU C 118 -4.48 -10.80 13.49
CA GLU C 118 -3.79 -10.25 12.32
C GLU C 118 -4.73 -9.63 11.32
N LYS C 119 -5.83 -10.34 11.08
CA LYS C 119 -6.83 -9.92 10.09
C LYS C 119 -7.46 -8.60 10.54
N GLU C 120 -7.71 -8.50 11.84
CA GLU C 120 -8.35 -7.28 12.35
C GLU C 120 -7.37 -6.14 12.20
N PHE C 121 -6.13 -6.37 12.56
CA PHE C 121 -5.09 -5.37 12.26
C PHE C 121 -5.04 -4.97 10.75
N ARG C 122 -4.97 -5.96 9.86
CA ARG C 122 -4.84 -5.60 8.43
C ARG C 122 -6.06 -4.88 7.88
N ASN C 123 -7.22 -5.25 8.41
CA ASN C 123 -8.51 -4.61 8.09
C ASN C 123 -8.52 -3.15 8.54
N LEU C 124 -8.10 -2.89 9.77
CA LEU C 124 -8.06 -1.48 10.26
C LEU C 124 -7.14 -0.62 9.43
N GLU C 125 -5.97 -1.17 9.11
CA GLU C 125 -4.94 -0.45 8.32
C GLU C 125 -5.50 -0.11 6.96
N ARG C 126 -6.18 -1.08 6.36
CA ARG C 126 -6.74 -0.96 5.00
C ARG C 126 -7.86 0.08 5.03
N ALA C 127 -8.72 0.02 6.04
CA ALA C 127 -9.75 1.04 6.26
C ALA C 127 -9.19 2.44 6.50
N LYS C 128 -8.20 2.51 7.39
CA LYS C 128 -7.58 3.77 7.77
C LYS C 128 -6.94 4.44 6.57
N GLU C 129 -6.28 3.65 5.74
CA GLU C 129 -5.61 4.17 4.55
C GLU C 129 -6.60 4.66 3.49
N ALA C 130 -7.77 4.03 3.48
CA ALA C 130 -8.81 4.37 2.54
C ALA C 130 -9.47 5.64 3.00
N GLY C 131 -9.11 6.14 4.17
CA GLY C 131 -9.79 7.33 4.69
C GLY C 131 -11.08 7.04 5.46
N VAL C 132 -11.30 5.78 5.84
CA VAL C 132 -12.41 5.45 6.72
C VAL C 132 -12.05 5.82 8.14
N SER C 133 -13.05 6.28 8.90
CA SER C 133 -12.83 6.67 10.32
C SER C 133 -12.82 5.43 11.22
N VAL C 134 -11.61 4.91 11.48
CA VAL C 134 -11.41 3.83 12.42
C VAL C 134 -10.26 4.30 13.33
N PRO C 135 -10.05 3.63 14.47
CA PRO C 135 -8.87 4.02 15.27
C PRO C 135 -7.59 3.61 14.54
N GLN C 136 -6.56 4.45 14.63
CA GLN C 136 -5.33 4.18 13.91
C GLN C 136 -4.76 2.92 14.53
N PRO C 137 -4.55 1.87 13.73
CA PRO C 137 -3.85 0.67 14.25
C PRO C 137 -2.37 0.92 14.48
N TYR C 138 -1.80 0.38 15.56
CA TYR C 138 -0.41 0.68 15.91
C TYR C 138 0.41 -0.56 15.63
N THR C 139 0.11 -1.63 16.36
CA THR C 139 0.72 -2.93 16.10
C THR C 139 -0.13 -4.11 16.55
N TYR C 140 0.34 -5.34 16.28
CA TYR C 140 -0.27 -6.53 16.85
C TYR C 140 0.83 -7.56 17.15
N MSE C 141 0.53 -8.47 18.05
CA MSE C 141 1.42 -9.63 18.35
C MSE C 141 0.62 -10.80 18.88
O MSE C 141 -0.05 -10.66 19.90
CB MSE C 141 2.47 -9.22 19.39
CG MSE C 141 3.30 -10.39 19.93
SE MSE C 141 4.99 -9.67 20.69
CE MSE C 141 5.72 -9.03 18.94
N LYS C 142 0.69 -11.96 18.23
CA LYS C 142 -0.04 -13.09 18.74
C LYS C 142 -1.52 -12.65 18.84
N ASN C 143 -2.13 -12.78 20.03
CA ASN C 143 -3.54 -12.38 20.22
C ASN C 143 -3.79 -10.95 20.74
N VAL C 144 -2.78 -10.09 20.65
CA VAL C 144 -2.85 -8.72 21.15
C VAL C 144 -2.82 -7.69 19.99
N LEU C 145 -3.78 -6.79 19.96
CA LEU C 145 -3.81 -5.68 19.03
C LEU C 145 -3.67 -4.36 19.80
N LEU C 146 -2.84 -3.44 19.32
CA LEU C 146 -2.75 -2.12 19.90
C LEU C 146 -3.21 -1.13 18.87
N MSE C 147 -4.11 -0.24 19.28
CA MSE C 147 -4.61 0.76 18.39
C MSE C 147 -4.94 2.05 19.15
O MSE C 147 -4.89 2.12 20.38
CB MSE C 147 -5.87 0.21 17.73
CG MSE C 147 -7.07 0.32 18.64
SE MSE C 147 -8.65 -0.65 17.97
CE MSE C 147 -8.70 -2.06 19.31
N GLU C 148 -5.32 3.08 18.42
CA GLU C 148 -5.56 4.42 18.99
C GLU C 148 -6.74 4.37 19.98
N PHE C 149 -6.62 5.00 21.14
CA PHE C 149 -7.74 5.03 22.07
C PHE C 149 -8.71 6.13 21.64
N ILE C 150 -9.98 5.79 21.50
CA ILE C 150 -10.98 6.78 21.12
C ILE C 150 -11.80 7.10 22.36
N GLY C 151 -11.65 8.30 22.89
CA GLY C 151 -12.45 8.72 24.03
C GLY C 151 -11.72 9.88 24.66
N GLU C 152 -12.09 10.19 25.89
CA GLU C 152 -11.26 11.08 26.70
C GLU C 152 -11.16 10.63 28.14
N ASP C 153 -10.04 10.92 28.77
CA ASP C 153 -9.86 10.65 30.19
C ASP C 153 -9.87 9.17 30.48
N GLU C 154 -9.30 8.40 29.56
CA GLU C 154 -9.18 6.98 29.75
C GLU C 154 -10.55 6.27 29.80
N LEU C 155 -11.63 6.99 29.51
CA LEU C 155 -12.92 6.32 29.26
C LEU C 155 -13.28 6.40 27.77
N PRO C 156 -13.78 5.30 27.23
CA PRO C 156 -14.00 5.21 25.80
C PRO C 156 -15.13 6.13 25.35
N ALA C 157 -15.08 6.53 24.09
CA ALA C 157 -16.23 7.17 23.47
C ALA C 157 -17.39 6.19 23.56
N PRO C 158 -18.63 6.70 23.73
CA PRO C 158 -19.80 5.89 23.80
C PRO C 158 -20.08 5.30 22.41
N THR C 159 -20.64 4.08 22.34
CA THR C 159 -21.19 3.55 21.08
C THR C 159 -22.55 4.18 20.82
N LEU C 160 -23.05 4.08 19.58
CA LEU C 160 -24.34 4.72 19.28
C LEU C 160 -25.41 4.19 20.24
N VAL C 161 -25.24 2.95 20.70
CA VAL C 161 -26.24 2.36 21.55
C VAL C 161 -26.15 3.01 22.93
N GLU C 162 -24.92 3.31 23.36
CA GLU C 162 -24.67 3.96 24.65
C GLU C 162 -25.15 5.41 24.68
N LEU C 163 -24.94 6.16 23.59
CA LEU C 163 -25.63 7.44 23.42
C LEU C 163 -27.12 7.27 23.61
N GLY C 164 -27.73 6.32 22.92
CA GLY C 164 -29.14 6.07 23.07
C GLY C 164 -29.96 7.36 23.00
N ARG C 165 -30.54 7.73 24.14
CA ARG C 165 -31.48 8.85 24.20
C ARG C 165 -30.92 10.19 23.73
N GLU C 166 -29.63 10.42 23.98
CA GLU C 166 -28.97 11.67 23.63
C GLU C 166 -28.78 11.88 22.12
N LEU C 167 -28.93 10.82 21.33
CA LEU C 167 -28.97 11.00 19.90
C LEU C 167 -30.10 11.96 19.51
N LYS C 168 -31.15 12.02 20.30
CA LYS C 168 -32.27 12.97 20.02
C LYS C 168 -31.81 14.41 20.15
N GLU C 169 -30.60 14.63 20.67
CA GLU C 169 -30.06 15.99 20.84
C GLU C 169 -29.02 16.32 19.79
N LEU C 170 -28.69 15.31 18.99
CA LEU C 170 -27.63 15.43 17.99
C LEU C 170 -28.19 15.46 16.57
N ASP C 171 -27.38 15.84 15.58
CA ASP C 171 -27.84 15.84 14.20
C ASP C 171 -27.84 14.42 13.66
N VAL C 172 -28.86 13.65 14.03
CA VAL C 172 -28.95 12.25 13.69
C VAL C 172 -28.87 11.95 12.20
N GLU C 173 -29.45 12.80 11.38
CA GLU C 173 -29.33 12.59 9.95
C GLU C 173 -27.88 12.77 9.53
N GLY C 174 -27.21 13.75 10.12
CA GLY C 174 -25.79 13.95 9.87
C GLY C 174 -24.99 12.72 10.30
N ILE C 175 -25.34 12.13 11.42
CA ILE C 175 -24.64 10.97 11.93
C ILE C 175 -24.87 9.78 11.01
N PHE C 176 -26.11 9.55 10.61
CA PHE C 176 -26.46 8.54 9.62
C PHE C 176 -25.64 8.81 8.36
N ASN C 177 -25.64 10.06 7.89
CA ASN C 177 -24.91 10.38 6.65
C ASN C 177 -23.41 10.11 6.80
N ASP C 178 -22.89 10.27 8.02
CA ASP C 178 -21.46 10.02 8.32
C ASP C 178 -21.21 8.49 8.28
N VAL C 179 -22.10 7.70 8.91
CA VAL C 179 -21.95 6.23 8.80
C VAL C 179 -22.04 5.77 7.36
N VAL C 180 -22.95 6.37 6.62
CA VAL C 180 -23.09 5.98 5.20
C VAL C 180 -21.85 6.26 4.39
N GLU C 181 -21.25 7.41 4.60
CA GLU C 181 -20.04 7.77 3.86
C GLU C 181 -18.87 6.81 4.20
N ASN C 182 -18.77 6.45 5.46
CA ASN C 182 -17.75 5.54 5.89
C ASN C 182 -17.97 4.16 5.34
N VAL C 183 -19.23 3.72 5.24
CA VAL C 183 -19.50 2.45 4.58
C VAL C 183 -19.15 2.55 3.08
N LYS C 184 -19.38 3.70 2.48
CA LYS C 184 -19.09 3.86 1.03
C LYS C 184 -17.57 3.79 0.85
N ARG C 185 -16.84 4.57 1.63
CA ARG C 185 -15.38 4.53 1.55
C ARG C 185 -14.76 3.16 1.77
N LEU C 186 -15.27 2.41 2.73
CA LEU C 186 -14.76 1.08 3.05
C LEU C 186 -15.02 0.08 1.90
N TYR C 187 -16.17 0.21 1.27
CA TYR C 187 -16.49 -0.62 0.14
C TYR C 187 -15.70 -0.18 -1.10
N GLN C 188 -15.62 1.12 -1.37
CA GLN C 188 -15.07 1.54 -2.66
C GLN C 188 -13.58 1.80 -2.65
N GLU C 189 -13.03 2.17 -1.49
CA GLU C 189 -11.62 2.46 -1.45
C GLU C 189 -10.84 1.37 -0.75
N ALA C 190 -11.41 0.80 0.31
CA ALA C 190 -10.71 -0.18 1.11
C ALA C 190 -11.08 -1.53 0.58
N GLU C 191 -12.13 -1.58 -0.22
CA GLU C 191 -12.57 -2.85 -0.72
C GLU C 191 -12.87 -3.92 0.30
N LEU C 192 -13.59 -3.51 1.35
CA LEU C 192 -13.98 -4.46 2.41
C LEU C 192 -15.48 -4.28 2.78
N VAL C 193 -16.02 -5.33 3.39
CA VAL C 193 -17.38 -5.26 3.98
C VAL C 193 -17.14 -5.49 5.51
N HIS C 194 -17.65 -4.61 6.42
CA HIS C 194 -17.39 -4.67 7.88
C HIS C 194 -17.95 -5.99 8.36
N ALA C 195 -19.20 -6.29 8.00
CA ALA C 195 -19.81 -7.56 8.34
C ALA C 195 -20.28 -7.71 9.79
N ASP C 196 -20.05 -6.71 10.63
CA ASP C 196 -20.73 -6.77 11.91
C ASP C 196 -21.08 -5.36 12.30
N LEU C 197 -21.62 -4.63 11.36
CA LEU C 197 -21.86 -3.20 11.55
C LEU C 197 -23.20 -2.97 12.21
N SER C 198 -23.14 -2.37 13.40
CA SER C 198 -24.35 -2.05 14.12
C SER C 198 -24.03 -0.94 15.12
N GLU C 199 -25.06 -0.49 15.83
CA GLU C 199 -24.94 0.59 16.79
C GLU C 199 -24.09 0.10 17.97
N TYR C 200 -23.77 -1.18 18.01
CA TYR C 200 -22.87 -1.70 19.06
C TYR C 200 -21.40 -1.58 18.73
N ASN C 201 -21.09 -1.36 17.44
CA ASN C 201 -19.72 -1.29 16.98
C ASN C 201 -19.43 0.04 16.31
N ILE C 202 -20.25 1.02 16.59
CA ILE C 202 -19.99 2.35 16.14
C ILE C 202 -19.92 3.26 17.37
N MSE C 203 -18.78 3.92 17.53
CA MSE C 203 -18.50 4.92 18.60
C MSE C 203 -18.66 6.33 18.08
O MSE C 203 -18.54 6.56 16.87
CB MSE C 203 -17.06 4.77 19.12
CG MSE C 203 -16.83 3.54 19.96
SE MSE C 203 -15.00 3.51 20.77
CE MSE C 203 -13.99 3.64 19.15
N TYR C 204 -18.93 7.28 18.96
CA TYR C 204 -19.14 8.65 18.51
C TYR C 204 -18.56 9.69 19.48
N ILE C 205 -17.75 10.59 18.95
CA ILE C 205 -17.30 11.81 19.66
C ILE C 205 -16.97 12.76 18.54
N ASP C 206 -17.86 13.72 18.30
CA ASP C 206 -17.71 14.65 17.18
C ASP C 206 -17.85 14.07 15.76
N LYS C 207 -17.41 12.83 15.55
CA LYS C 207 -17.67 12.09 14.29
C LYS C 207 -17.83 10.61 14.65
N VAL C 208 -18.28 9.76 13.73
CA VAL C 208 -18.37 8.35 14.06
C VAL C 208 -17.04 7.63 13.81
N TYR C 209 -16.81 6.55 14.55
CA TYR C 209 -15.65 5.65 14.31
C TYR C 209 -16.20 4.25 14.24
N PHE C 210 -15.71 3.45 13.30
CA PHE C 210 -16.11 2.06 13.22
C PHE C 210 -15.03 1.29 13.97
N ILE C 211 -15.47 0.31 14.73
CA ILE C 211 -14.58 -0.66 15.36
C ILE C 211 -15.02 -2.13 15.13
N ASP C 212 -14.20 -3.05 15.64
CA ASP C 212 -14.51 -4.49 15.68
C ASP C 212 -14.47 -5.11 14.30
N MSE C 213 -13.27 -5.40 13.80
CA MSE C 213 -13.10 -5.72 12.38
C MSE C 213 -12.38 -6.99 12.01
O MSE C 213 -11.99 -7.17 10.86
CB MSE C 213 -12.41 -4.54 11.67
CG MSE C 213 -13.23 -3.26 11.85
SE MSE C 213 -12.84 -1.96 10.47
CE MSE C 213 -13.40 -2.97 8.87
N GLY C 214 -12.21 -7.89 12.98
CA GLY C 214 -11.66 -9.23 12.72
C GLY C 214 -12.46 -9.98 11.65
N GLN C 215 -13.76 -9.76 11.62
CA GLN C 215 -14.66 -10.46 10.71
C GLN C 215 -14.74 -9.82 9.32
N ALA C 216 -14.23 -8.60 9.15
CA ALA C 216 -14.44 -7.85 7.90
C ALA C 216 -13.77 -8.58 6.73
N VAL C 217 -14.44 -8.62 5.59
CA VAL C 217 -13.93 -9.40 4.45
C VAL C 217 -13.75 -8.54 3.23
N THR C 218 -13.05 -9.06 2.22
CA THR C 218 -12.77 -8.25 1.05
C THR C 218 -13.91 -8.50 0.08
N LEU C 219 -13.96 -7.64 -0.92
CA LEU C 219 -15.02 -7.71 -1.93
C LEU C 219 -15.05 -9.03 -2.69
N ARG C 220 -14.00 -9.83 -2.59
CA ARG C 220 -13.91 -11.09 -3.32
C ARG C 220 -14.55 -12.25 -2.56
N HIS C 221 -14.72 -12.08 -1.24
CA HIS C 221 -15.37 -13.10 -0.40
C HIS C 221 -16.76 -13.46 -0.93
N PRO C 222 -17.07 -14.76 -1.03
CA PRO C 222 -18.37 -15.18 -1.56
C PRO C 222 -19.57 -14.47 -0.92
N MSE C 223 -19.42 -14.09 0.34
CA MSE C 223 -20.54 -13.64 1.13
C MSE C 223 -20.56 -12.14 1.30
O MSE C 223 -21.36 -11.60 2.07
CB MSE C 223 -20.45 -14.27 2.51
CG MSE C 223 -21.77 -14.48 3.19
SE MSE C 223 -22.66 -15.96 2.30
CE MSE C 223 -21.36 -17.38 2.80
N ALA C 224 -19.65 -11.46 0.61
CA ALA C 224 -19.42 -10.06 0.87
C ALA C 224 -20.69 -9.26 0.62
N GLU C 225 -21.49 -9.67 -0.36
CA GLU C 225 -22.64 -8.86 -0.74
C GLU C 225 -23.77 -9.08 0.26
N SER C 226 -23.98 -10.30 0.71
CA SER C 226 -25.02 -10.49 1.75
C SER C 226 -24.62 -9.84 3.08
N TYR C 227 -23.34 -9.90 3.43
CA TYR C 227 -22.83 -9.18 4.61
C TYR C 227 -23.09 -7.68 4.49
N LEU C 228 -22.94 -7.16 3.28
CA LEU C 228 -23.17 -5.74 3.05
C LEU C 228 -24.64 -5.39 3.11
N GLU C 229 -25.52 -6.22 2.55
CA GLU C 229 -26.96 -5.91 2.72
C GLU C 229 -27.34 -5.94 4.19
N ARG C 230 -26.80 -6.92 4.92
CA ARG C 230 -27.08 -7.06 6.34
C ARG C 230 -26.68 -5.81 7.12
N ASP C 231 -25.49 -5.28 6.81
CA ASP C 231 -24.96 -4.05 7.44
C ASP C 231 -25.88 -2.83 7.16
N VAL C 232 -26.22 -2.65 5.88
CA VAL C 232 -27.13 -1.57 5.48
C VAL C 232 -28.49 -1.64 6.19
N ARG C 233 -29.08 -2.83 6.28
CA ARG C 233 -30.36 -2.99 6.95
C ARG C 233 -30.30 -2.66 8.43
N ASN C 234 -29.22 -3.09 9.09
CA ASN C 234 -29.04 -2.85 10.54
C ASN C 234 -28.85 -1.38 10.83
N ILE C 235 -28.16 -0.70 9.93
CA ILE C 235 -27.98 0.77 9.98
C ILE C 235 -29.29 1.51 9.74
N ILE C 236 -29.95 1.24 8.62
CA ILE C 236 -31.27 1.85 8.41
C ILE C 236 -32.20 1.61 9.60
N ARG C 237 -32.26 0.36 10.07
CA ARG C 237 -33.16 0.00 11.18
C ARG C 237 -32.91 0.79 12.47
N PHE C 238 -31.67 0.79 12.95
CA PHE C 238 -31.33 1.55 14.17
C PHE C 238 -31.71 3.01 14.03
N PHE C 239 -31.33 3.63 12.93
CA PHE C 239 -31.62 5.07 12.75
C PHE C 239 -33.11 5.44 12.55
N SER C 240 -33.94 4.50 12.12
CA SER C 240 -35.37 4.79 11.99
C SER C 240 -35.96 5.09 13.37
N LYS C 241 -35.32 4.53 14.40
CA LYS C 241 -35.71 4.78 15.78
C LYS C 241 -35.53 6.23 16.20
N TYR C 242 -34.76 7.01 15.43
CA TYR C 242 -34.48 8.40 15.77
C TYR C 242 -34.95 9.36 14.72
N GLY C 243 -35.77 8.85 13.82
CA GLY C 243 -36.43 9.67 12.84
C GLY C 243 -35.71 9.85 11.53
N VAL C 244 -34.63 9.09 11.28
CA VAL C 244 -33.96 9.19 9.97
C VAL C 244 -34.77 8.32 9.04
N LYS C 245 -35.15 8.86 7.89
CA LYS C 245 -35.93 8.10 6.91
C LYS C 245 -34.98 7.76 5.76
N ALA C 246 -34.90 6.49 5.37
CA ALA C 246 -33.88 6.13 4.40
C ALA C 246 -34.29 4.85 3.75
N ASP C 247 -33.90 4.68 2.49
CA ASP C 247 -34.31 3.50 1.75
C ASP C 247 -33.16 2.56 1.51
N PHE C 248 -33.38 1.27 1.76
CA PHE C 248 -32.37 0.24 1.56
C PHE C 248 -31.79 0.29 0.14
N GLU C 249 -32.67 0.36 -0.85
CA GLU C 249 -32.24 0.37 -2.24
C GLU C 249 -31.31 1.55 -2.55
N GLU C 250 -31.68 2.73 -2.08
CA GLU C 250 -30.89 3.92 -2.34
C GLU C 250 -29.56 3.87 -1.61
N MSE C 251 -29.60 3.41 -0.37
CA MSE C 251 -28.39 3.47 0.42
C MSE C 251 -27.39 2.42 -0.08
O MSE C 251 -26.19 2.73 -0.18
CB MSE C 251 -28.73 3.31 1.91
CG MSE C 251 -29.50 4.56 2.47
SE MSE C 251 -28.56 6.32 2.17
CE MSE C 251 -30.08 7.58 2.17
N LEU C 252 -27.86 1.22 -0.44
CA LEU C 252 -26.97 0.17 -1.00
C LEU C 252 -26.28 0.65 -2.30
N LYS C 253 -27.04 1.33 -3.16
CA LYS C 253 -26.52 1.87 -4.42
C LYS C 253 -25.56 3.04 -4.23
N GLU C 254 -25.76 3.82 -3.17
CA GLU C 254 -24.81 4.87 -2.82
C GLU C 254 -23.50 4.22 -2.39
N VAL C 255 -23.62 3.17 -1.57
CA VAL C 255 -22.42 2.48 -1.11
C VAL C 255 -21.67 1.78 -2.24
N LYS C 256 -22.40 0.98 -3.02
CA LYS C 256 -21.86 0.30 -4.19
C LYS C 256 -21.57 1.19 -5.40
N GLY C 257 -22.01 2.45 -5.34
CA GLY C 257 -21.78 3.40 -6.43
C GLY C 257 -22.50 3.02 -7.70
N GLU C 258 -23.62 2.30 -7.54
CA GLU C 258 -24.46 1.96 -8.65
C GLU C 258 -25.46 3.07 -8.94
N MSE D 1 -64.13 5.92 16.48
CA MSE D 1 -63.36 5.47 17.69
C MSE D 1 -62.89 6.70 18.48
O MSE D 1 -62.69 7.77 17.91
CB MSE D 1 -62.17 4.60 17.27
N LYS D 2 -62.71 6.54 19.80
CA LYS D 2 -62.30 7.66 20.66
C LYS D 2 -61.08 8.36 20.11
N ASP D 3 -61.04 9.69 20.26
CA ASP D 3 -59.83 10.47 20.01
C ASP D 3 -58.93 10.32 21.23
N LEU D 4 -58.12 9.28 21.22
CA LEU D 4 -57.17 9.06 22.30
C LEU D 4 -56.17 10.22 22.43
N LYS D 5 -55.89 10.59 23.67
CA LYS D 5 -55.03 11.76 23.93
C LYS D 5 -53.56 11.38 23.98
N LYS D 6 -53.25 10.15 24.40
CA LYS D 6 -51.86 9.68 24.56
C LYS D 6 -51.44 8.72 23.44
N ILE D 7 -50.23 8.90 22.89
CA ILE D 7 -49.70 7.96 21.89
C ILE D 7 -49.68 6.53 22.43
N GLU D 8 -49.35 6.41 23.70
CA GLU D 8 -49.20 5.12 24.32
C GLU D 8 -50.52 4.36 24.31
N SER D 9 -51.65 5.08 24.30
CA SER D 9 -52.97 4.43 24.35
C SER D 9 -53.29 3.73 23.05
N TYR D 10 -52.90 4.35 21.94
CA TYR D 10 -53.10 3.73 20.62
C TYR D 10 -52.24 2.48 20.54
N LEU D 11 -50.98 2.60 20.92
CA LEU D 11 -50.12 1.40 20.89
C LEU D 11 -50.70 0.23 21.69
N ASP D 12 -51.28 0.55 22.86
CA ASP D 12 -52.03 -0.38 23.67
C ASP D 12 -53.22 -0.96 22.89
N LYS D 13 -54.05 -0.10 22.27
CA LYS D 13 -55.12 -0.61 21.42
C LYS D 13 -54.63 -1.59 20.37
N LEU D 14 -53.44 -1.31 19.82
CA LEU D 14 -52.87 -2.13 18.76
C LEU D 14 -52.16 -3.35 19.26
N ARG D 15 -52.10 -3.50 20.59
CA ARG D 15 -51.50 -4.68 21.23
C ARG D 15 -50.00 -4.81 21.02
N ILE D 16 -49.33 -3.66 20.94
CA ILE D 16 -47.87 -3.63 20.81
C ILE D 16 -47.33 -3.60 22.24
N LYS D 17 -46.77 -4.74 22.66
CA LYS D 17 -46.40 -4.96 24.06
C LYS D 17 -45.30 -4.03 24.55
N GLU D 18 -45.42 -3.62 25.80
CA GLU D 18 -44.44 -2.73 26.40
C GLU D 18 -43.13 -3.46 26.55
N LYS D 19 -43.22 -4.78 26.70
CA LYS D 19 -42.04 -5.61 26.81
C LYS D 19 -41.25 -5.52 25.50
N ASP D 20 -41.93 -5.16 24.40
CA ASP D 20 -41.28 -5.12 23.07
C ASP D 20 -40.75 -3.74 22.78
N GLY D 21 -39.71 -3.39 23.52
CA GLY D 21 -39.14 -2.06 23.53
C GLY D 21 -38.87 -1.53 22.15
N GLU D 22 -38.13 -2.32 21.36
CA GLU D 22 -37.83 -1.95 19.97
C GLU D 22 -39.10 -1.64 19.17
N GLU D 23 -40.04 -2.58 19.09
CA GLU D 23 -41.27 -2.31 18.34
C GLU D 23 -41.93 -1.02 18.76
N ARG D 24 -42.26 -0.89 20.05
CA ARG D 24 -42.94 0.31 20.51
C ARG D 24 -42.19 1.56 20.16
N LYS D 25 -40.88 1.50 20.31
CA LYS D 25 -40.03 2.66 20.01
C LYS D 25 -40.18 3.04 18.51
N ILE D 26 -40.08 2.06 17.63
CA ILE D 26 -40.14 2.34 16.20
C ILE D 26 -41.51 2.89 15.76
N TYR D 27 -42.60 2.29 16.24
CA TYR D 27 -43.95 2.68 15.81
C TYR D 27 -44.23 4.11 16.24
N ALA D 28 -43.84 4.44 17.47
CA ALA D 28 -44.12 5.78 18.01
C ALA D 28 -43.31 6.85 17.26
N GLU D 29 -42.17 6.44 16.75
CA GLU D 29 -41.31 7.32 15.94
C GLU D 29 -41.76 7.46 14.48
N VAL D 30 -42.17 6.36 13.88
CA VAL D 30 -42.39 6.34 12.44
C VAL D 30 -43.83 6.64 12.03
N LEU D 31 -44.78 6.46 12.95
CA LEU D 31 -46.21 6.72 12.64
C LEU D 31 -46.80 7.88 13.44
N ASP D 32 -47.48 8.81 12.77
CA ASP D 32 -48.07 9.95 13.47
C ASP D 32 -49.41 9.64 14.16
N GLY D 33 -49.89 10.60 14.95
CA GLY D 33 -51.17 10.40 15.68
C GLY D 33 -52.34 10.09 14.75
N ARG D 34 -52.35 10.71 13.59
CA ARG D 34 -53.40 10.46 12.60
C ARG D 34 -53.36 9.03 12.08
N THR D 35 -52.16 8.54 11.79
CA THR D 35 -52.00 7.20 11.29
C THR D 35 -52.38 6.18 12.34
N LEU D 36 -51.98 6.44 13.58
CA LEU D 36 -52.40 5.59 14.69
C LEU D 36 -53.92 5.53 14.84
N LYS D 37 -54.61 6.66 14.71
CA LYS D 37 -56.08 6.66 14.71
C LYS D 37 -56.69 5.79 13.61
N THR D 38 -56.16 5.91 12.40
CA THR D 38 -56.58 5.06 11.30
C THR D 38 -56.40 3.59 11.63
N LEU D 39 -55.22 3.22 12.15
CA LEU D 39 -55.01 1.84 12.51
C LEU D 39 -55.99 1.40 13.61
N TYR D 40 -56.21 2.28 14.58
CA TYR D 40 -57.14 1.91 15.67
C TYR D 40 -58.54 1.72 15.07
N LYS D 41 -58.93 2.62 14.19
CA LYS D 41 -60.19 2.46 13.44
C LYS D 41 -60.28 1.12 12.71
N LEU D 42 -59.23 0.71 11.98
CA LEU D 42 -59.24 -0.60 11.29
C LEU D 42 -59.31 -1.74 12.30
N SER D 43 -58.73 -1.51 13.45
CA SER D 43 -58.71 -2.49 14.52
C SER D 43 -60.14 -2.57 15.06
N ALA D 44 -60.72 -1.42 15.37
CA ALA D 44 -62.09 -1.46 15.89
C ALA D 44 -63.08 -2.13 14.95
N LYS D 45 -62.97 -1.79 13.66
CA LYS D 45 -63.86 -2.33 12.65
C LYS D 45 -63.75 -3.82 12.49
N GLY D 46 -62.60 -4.40 12.86
CA GLY D 46 -62.40 -5.84 12.87
C GLY D 46 -61.33 -6.31 11.89
N TYR D 47 -60.68 -5.38 11.17
CA TYR D 47 -59.67 -5.72 10.16
C TYR D 47 -58.31 -6.12 10.73
N ILE D 48 -57.87 -5.41 11.76
CA ILE D 48 -56.61 -5.69 12.45
C ILE D 48 -56.86 -6.24 13.85
N THR D 49 -56.26 -7.38 14.15
CA THR D 49 -56.36 -8.01 15.46
C THR D 49 -55.16 -7.57 16.33
N ALA D 50 -53.95 -7.75 15.81
CA ALA D 50 -52.76 -7.38 16.57
C ALA D 50 -51.65 -6.86 15.66
N MSE D 51 -51.03 -5.72 15.99
CA MSE D 51 -49.89 -5.23 15.19
C MSE D 51 -48.67 -5.99 15.65
O MSE D 51 -48.59 -6.40 16.79
CB MSE D 51 -49.66 -3.73 15.32
CG MSE D 51 -50.72 -2.83 14.69
SE MSE D 51 -50.87 -2.99 12.77
CE MSE D 51 -49.15 -2.20 12.22
N GLY D 52 -47.71 -6.19 14.74
CA GLY D 52 -46.55 -7.02 15.10
C GLY D 52 -45.27 -6.35 14.68
N GLY D 53 -44.28 -7.15 14.28
CA GLY D 53 -42.95 -6.62 14.08
C GLY D 53 -42.84 -5.68 12.89
N VAL D 54 -41.87 -4.79 12.92
CA VAL D 54 -41.60 -3.92 11.82
C VAL D 54 -40.92 -4.76 10.73
N ILE D 55 -41.39 -4.66 9.48
CA ILE D 55 -40.89 -5.47 8.38
C ILE D 55 -39.94 -4.61 7.50
N SER D 56 -40.26 -3.34 7.34
CA SER D 56 -39.39 -2.49 6.57
C SER D 56 -39.61 -1.10 7.03
N THR D 57 -38.56 -0.30 7.14
CA THR D 57 -38.73 1.14 7.40
C THR D 57 -38.14 1.95 6.26
N GLY D 58 -38.96 2.68 5.54
CA GLY D 58 -38.48 3.37 4.38
C GLY D 58 -38.72 4.84 4.41
N LYS D 59 -38.31 5.49 3.32
CA LYS D 59 -38.43 6.93 3.11
C LYS D 59 -39.84 7.24 2.66
N GLU D 60 -40.48 6.30 1.98
CA GLU D 60 -41.87 6.54 1.58
C GLU D 60 -42.92 5.79 2.40
N ALA D 61 -42.55 4.60 2.86
CA ALA D 61 -43.49 3.68 3.46
C ALA D 61 -42.78 2.85 4.51
N ASN D 62 -43.59 2.35 5.44
CA ASN D 62 -43.19 1.40 6.45
C ASN D 62 -44.09 0.21 6.32
N VAL D 63 -43.58 -0.97 6.56
CA VAL D 63 -44.36 -2.20 6.45
C VAL D 63 -44.18 -2.97 7.76
N PHE D 64 -45.30 -3.49 8.27
CA PHE D 64 -45.40 -4.14 9.57
C PHE D 64 -46.11 -5.45 9.41
N TYR D 65 -45.77 -6.41 10.23
CA TYR D 65 -46.53 -7.63 10.24
C TYR D 65 -47.76 -7.40 11.09
N ALA D 66 -48.89 -8.02 10.72
CA ALA D 66 -50.08 -8.01 11.62
C ALA D 66 -50.92 -9.26 11.48
N ASP D 67 -51.64 -9.59 12.55
CA ASP D 67 -52.70 -10.57 12.48
C ASP D 67 -54.01 -9.80 12.29
N GLY D 68 -54.87 -10.35 11.43
CA GLY D 68 -56.03 -9.60 10.96
C GLY D 68 -57.19 -10.51 10.62
N VAL D 69 -58.29 -9.92 10.15
CA VAL D 69 -59.39 -10.71 9.64
C VAL D 69 -59.76 -10.22 8.25
N PHE D 70 -60.06 -11.16 7.36
CA PHE D 70 -60.41 -10.82 6.01
C PHE D 70 -61.34 -11.91 5.54
N ASP D 71 -62.40 -11.50 4.85
CA ASP D 71 -63.48 -12.38 4.46
C ASP D 71 -63.84 -13.16 5.71
N GLY D 72 -64.09 -14.45 5.62
CA GLY D 72 -64.37 -15.14 6.86
C GLY D 72 -63.42 -14.75 8.00
N LYS D 73 -62.16 -15.07 7.81
CA LYS D 73 -61.33 -15.50 8.90
C LYS D 73 -59.96 -14.83 9.12
N PRO D 74 -59.26 -15.27 10.18
CA PRO D 74 -57.92 -14.80 10.52
C PRO D 74 -56.97 -14.89 9.31
N VAL D 75 -56.24 -13.82 9.04
CA VAL D 75 -55.21 -13.83 8.00
C VAL D 75 -53.92 -13.25 8.57
N ALA D 76 -52.79 -13.61 7.97
CA ALA D 76 -51.52 -12.96 8.28
C ALA D 76 -51.36 -11.82 7.26
N MSE D 77 -51.07 -10.61 7.73
CA MSE D 77 -50.99 -9.46 6.87
C MSE D 77 -49.68 -8.71 6.90
O MSE D 77 -48.95 -8.72 7.90
CB MSE D 77 -52.11 -8.46 7.19
CG MSE D 77 -52.99 -8.79 8.29
SE MSE D 77 -54.63 -7.63 8.16
CE MSE D 77 -55.69 -8.77 7.32
N ALA D 78 -49.37 -8.16 5.78
CA ALA D 78 -48.39 -7.00 5.72
C ALA D 78 -49.25 -5.71 5.68
N VAL D 79 -48.95 -4.90 6.63
CA VAL D 79 -49.65 -3.56 6.66
C VAL D 79 -48.62 -2.55 6.13
N LYS D 80 -48.91 -1.96 4.98
CA LYS D 80 -48.01 -0.98 4.42
C LYS D 80 -48.61 0.37 4.65
N ILE D 81 -47.81 1.29 5.16
CA ILE D 81 -48.30 2.62 5.48
C ILE D 81 -47.41 3.68 4.86
N TYR D 82 -47.98 4.53 4.04
CA TYR D 82 -47.26 5.64 3.41
C TYR D 82 -47.20 6.82 4.36
N ARG D 83 -46.03 7.43 4.48
CA ARG D 83 -45.91 8.64 5.25
C ARG D 83 -46.72 9.74 4.58
N ILE D 84 -47.39 10.58 5.39
CA ILE D 84 -48.15 11.71 4.83
C ILE D 84 -47.24 12.89 4.47
N MSE D 92 -43.90 10.70 -7.53
CA MSE D 92 -45.33 10.33 -7.58
C MSE D 92 -46.06 10.86 -8.82
O MSE D 92 -46.76 10.11 -9.48
CB MSE D 92 -46.08 10.73 -6.29
CG MSE D 92 -45.93 9.76 -5.10
SE MSE D 92 -47.36 9.93 -3.70
CE MSE D 92 -46.79 11.64 -2.84
N ASP D 93 -45.90 12.14 -9.11
CA ASP D 93 -46.75 12.84 -10.12
C ASP D 93 -46.75 12.27 -11.54
N GLU D 94 -45.62 11.76 -12.02
CA GLU D 94 -45.56 11.24 -13.37
C GLU D 94 -46.28 9.89 -13.41
N TYR D 95 -46.49 9.29 -12.24
CA TYR D 95 -47.19 8.01 -12.14
C TYR D 95 -48.66 8.21 -11.77
N LEU D 96 -49.04 9.46 -11.60
CA LEU D 96 -50.41 9.79 -11.19
C LEU D 96 -51.17 10.39 -12.37
N TYR D 97 -50.69 11.54 -12.85
CA TYR D 97 -51.28 12.18 -14.01
C TYR D 97 -51.11 11.27 -15.22
N GLY D 98 -52.17 11.15 -16.03
CA GLY D 98 -52.17 10.23 -17.13
C GLY D 98 -53.02 9.01 -16.81
N ASP D 99 -53.05 8.64 -15.54
CA ASP D 99 -53.87 7.52 -15.16
C ASP D 99 -55.33 7.92 -15.04
N GLU D 100 -56.16 7.34 -15.91
CA GLU D 100 -57.57 7.72 -16.01
C GLU D 100 -58.42 7.42 -14.77
N ARG D 101 -58.00 6.47 -13.94
CA ARG D 101 -58.83 6.06 -12.81
C ARG D 101 -58.80 7.07 -11.69
N PHE D 102 -57.82 7.97 -11.72
CA PHE D 102 -57.62 8.89 -10.60
C PHE D 102 -57.58 10.34 -11.04
N ASP D 103 -58.50 11.14 -10.50
CA ASP D 103 -58.52 12.58 -10.78
C ASP D 103 -57.65 13.38 -9.81
N LYS D 110 -50.70 16.99 -1.21
CA LYS D 110 -51.71 17.19 -0.18
C LYS D 110 -52.38 15.86 0.23
N GLU D 111 -53.38 15.45 -0.55
CA GLU D 111 -54.08 14.17 -0.39
C GLU D 111 -53.64 13.20 -1.48
N LYS D 112 -52.61 13.56 -2.23
CA LYS D 112 -52.00 12.64 -3.19
C LYS D 112 -51.70 11.31 -2.52
N VAL D 113 -51.28 11.37 -1.27
CA VAL D 113 -50.82 10.15 -0.58
C VAL D 113 -51.94 9.12 -0.47
N PHE D 114 -53.14 9.60 -0.16
CA PHE D 114 -54.29 8.70 -0.07
C PHE D 114 -54.62 8.11 -1.43
N ILE D 115 -54.47 8.93 -2.48
CA ILE D 115 -54.68 8.46 -3.84
C ILE D 115 -53.64 7.41 -4.19
N TRP D 116 -52.41 7.68 -3.84
CA TRP D 116 -51.33 6.72 -4.02
C TRP D 116 -51.66 5.39 -3.38
N THR D 117 -52.04 5.43 -2.11
CA THR D 117 -52.42 4.22 -1.38
C THR D 117 -53.57 3.50 -2.09
N GLU D 118 -54.57 4.25 -2.51
CA GLU D 118 -55.70 3.65 -3.17
C GLU D 118 -55.23 3.03 -4.47
N LYS D 119 -54.29 3.69 -5.14
CA LYS D 119 -53.77 3.31 -6.47
C LYS D 119 -53.05 1.98 -6.32
N GLU D 120 -52.25 1.85 -5.27
CA GLU D 120 -51.57 0.55 -5.04
C GLU D 120 -52.60 -0.54 -4.79
N PHE D 121 -53.61 -0.25 -3.96
CA PHE D 121 -54.64 -1.31 -3.75
C PHE D 121 -55.32 -1.73 -5.07
N ARG D 122 -55.82 -0.75 -5.81
CA ARG D 122 -56.49 -1.04 -7.07
C ARG D 122 -55.65 -1.80 -8.09
N ASN D 123 -54.36 -1.48 -8.15
CA ASN D 123 -53.40 -2.15 -9.03
C ASN D 123 -53.14 -3.59 -8.59
N LEU D 124 -53.03 -3.82 -7.28
CA LEU D 124 -52.83 -5.22 -6.83
C LEU D 124 -54.07 -6.04 -7.14
N GLU D 125 -55.25 -5.43 -7.01
CA GLU D 125 -56.51 -6.16 -7.29
C GLU D 125 -56.60 -6.53 -8.76
N ARG D 126 -56.25 -5.58 -9.60
CA ARG D 126 -56.22 -5.83 -11.07
C ARG D 126 -55.27 -6.96 -11.41
N ALA D 127 -54.08 -6.95 -10.82
CA ALA D 127 -53.06 -7.95 -11.07
C ALA D 127 -53.48 -9.31 -10.55
N LYS D 128 -54.04 -9.30 -9.34
CA LYS D 128 -54.49 -10.52 -8.73
C LYS D 128 -55.63 -11.18 -9.50
N GLU D 129 -56.62 -10.39 -9.91
CA GLU D 129 -57.76 -10.96 -10.67
C GLU D 129 -57.24 -11.49 -12.02
N ALA D 130 -56.16 -10.90 -12.53
CA ALA D 130 -55.58 -11.28 -13.83
C ALA D 130 -54.76 -12.54 -13.76
N GLY D 131 -54.53 -13.05 -12.56
CA GLY D 131 -53.68 -14.22 -12.38
C GLY D 131 -52.20 -13.88 -12.24
N VAL D 132 -51.89 -12.59 -12.02
CA VAL D 132 -50.52 -12.19 -11.72
C VAL D 132 -50.12 -12.67 -10.31
N SER D 133 -48.86 -13.07 -10.10
CA SER D 133 -48.48 -13.46 -8.74
C SER D 133 -48.13 -12.26 -7.88
N VAL D 134 -49.11 -11.87 -7.06
CA VAL D 134 -48.96 -10.77 -6.13
C VAL D 134 -49.66 -11.13 -4.82
N PRO D 135 -49.35 -10.39 -3.73
CA PRO D 135 -50.02 -10.66 -2.47
C PRO D 135 -51.50 -10.27 -2.60
N GLN D 136 -52.40 -11.14 -2.14
CA GLN D 136 -53.82 -10.77 -2.14
C GLN D 136 -54.06 -9.48 -1.36
N PRO D 137 -54.59 -8.43 -2.03
CA PRO D 137 -54.93 -7.29 -1.21
C PRO D 137 -56.22 -7.51 -0.40
N TYR D 138 -56.32 -6.86 0.75
CA TYR D 138 -57.43 -7.04 1.69
C TYR D 138 -58.29 -5.79 1.76
N THR D 139 -57.72 -4.70 2.24
CA THR D 139 -58.43 -3.44 2.23
C THR D 139 -57.42 -2.32 2.32
N TYR D 140 -57.87 -1.07 2.24
CA TYR D 140 -57.03 0.08 2.54
C TYR D 140 -57.90 1.13 3.19
N MSE D 141 -57.28 2.13 3.81
CA MSE D 141 -58.01 3.24 4.39
C MSE D 141 -56.97 4.31 4.57
O MSE D 141 -55.87 4.02 5.09
CB MSE D 141 -58.61 2.84 5.76
CG MSE D 141 -59.31 4.00 6.43
SE MSE D 141 -60.19 3.47 8.08
CE MSE D 141 -61.34 2.02 7.34
N LYS D 142 -57.27 5.51 4.11
CA LYS D 142 -56.31 6.64 4.12
C LYS D 142 -54.93 6.17 3.59
N ASN D 143 -53.87 6.34 4.40
CA ASN D 143 -52.49 5.97 4.04
C ASN D 143 -52.11 4.52 4.37
N VAL D 144 -53.09 3.72 4.80
CA VAL D 144 -52.86 2.31 5.18
C VAL D 144 -53.41 1.28 4.16
N LEU D 145 -52.59 0.29 3.81
CA LEU D 145 -52.97 -0.78 2.92
C LEU D 145 -52.73 -2.09 3.65
N LEU D 146 -53.70 -3.01 3.63
CA LEU D 146 -53.51 -4.31 4.26
C LEU D 146 -53.48 -5.33 3.13
N MSE D 147 -52.56 -6.30 3.18
CA MSE D 147 -52.52 -7.34 2.16
C MSE D 147 -51.98 -8.60 2.75
O MSE D 147 -51.53 -8.62 3.88
CB MSE D 147 -51.63 -6.88 1.00
CG MSE D 147 -50.30 -6.32 1.49
SE MSE D 147 -49.12 -5.88 -0.02
CE MSE D 147 -48.24 -4.39 0.69
N GLU D 148 -51.98 -9.65 1.95
CA GLU D 148 -51.48 -10.95 2.39
C GLU D 148 -49.99 -10.90 2.73
N PHE D 149 -49.60 -11.39 3.91
CA PHE D 149 -48.17 -11.51 4.25
C PHE D 149 -47.52 -12.64 3.44
N ILE D 150 -46.49 -12.31 2.67
CA ILE D 150 -45.73 -13.29 1.91
C ILE D 150 -44.48 -13.62 2.68
N GLY D 151 -44.39 -14.85 3.13
CA GLY D 151 -43.31 -15.29 4.01
C GLY D 151 -43.75 -16.36 5.00
N GLU D 152 -42.95 -16.57 6.04
CA GLU D 152 -43.22 -17.57 7.08
C GLU D 152 -42.76 -17.00 8.41
N ASP D 153 -43.30 -17.52 9.50
CA ASP D 153 -42.85 -17.13 10.85
C ASP D 153 -42.74 -15.62 11.00
N GLU D 154 -43.66 -14.91 10.35
CA GLU D 154 -43.74 -13.48 10.48
C GLU D 154 -42.48 -12.80 9.96
N LEU D 155 -41.70 -13.53 9.16
CA LEU D 155 -40.59 -12.93 8.39
C LEU D 155 -40.87 -13.03 6.89
N PRO D 156 -40.60 -11.95 6.16
CA PRO D 156 -40.97 -11.87 4.75
C PRO D 156 -40.14 -12.79 3.91
N ALA D 157 -40.70 -13.23 2.79
CA ALA D 157 -39.94 -13.93 1.78
C ALA D 157 -38.89 -12.99 1.23
N PRO D 158 -37.75 -13.54 0.83
CA PRO D 158 -36.68 -12.64 0.41
C PRO D 158 -36.96 -12.08 -0.96
N THR D 159 -36.43 -10.90 -1.23
CA THR D 159 -36.43 -10.37 -2.58
C THR D 159 -35.29 -10.99 -3.39
N LEU D 160 -35.39 -10.89 -4.71
CA LEU D 160 -34.34 -11.46 -5.54
C LEU D 160 -32.97 -10.85 -5.19
N VAL D 161 -32.96 -9.58 -4.84
CA VAL D 161 -31.70 -8.97 -4.43
C VAL D 161 -31.12 -9.59 -3.17
N GLU D 162 -31.99 -9.96 -2.22
CA GLU D 162 -31.62 -10.58 -0.95
C GLU D 162 -31.17 -12.01 -1.13
N LEU D 163 -31.77 -12.72 -2.08
CA LEU D 163 -31.31 -14.04 -2.49
C LEU D 163 -29.90 -13.99 -3.04
N GLY D 164 -29.65 -13.10 -3.99
CA GLY D 164 -28.31 -12.92 -4.57
C GLY D 164 -27.55 -14.17 -5.00
N ARG D 165 -26.44 -14.46 -4.33
CA ARG D 165 -25.56 -15.58 -4.68
C ARG D 165 -26.32 -16.89 -4.71
N GLU D 166 -27.39 -16.97 -3.94
CA GLU D 166 -28.12 -18.21 -3.77
C GLU D 166 -28.92 -18.53 -5.01
N LEU D 167 -29.21 -17.51 -5.80
CA LEU D 167 -29.92 -17.70 -7.04
C LEU D 167 -29.19 -18.70 -7.94
N LYS D 168 -27.86 -18.74 -7.83
CA LYS D 168 -27.02 -19.64 -8.64
C LYS D 168 -27.24 -21.11 -8.32
N GLU D 169 -27.96 -21.38 -7.25
CA GLU D 169 -28.25 -22.76 -6.90
C GLU D 169 -29.72 -23.12 -7.17
N LEU D 170 -30.49 -22.17 -7.69
CA LEU D 170 -31.95 -22.27 -7.73
C LEU D 170 -32.66 -22.48 -9.08
N ASP D 171 -31.95 -22.72 -10.17
CA ASP D 171 -32.66 -22.77 -11.47
C ASP D 171 -33.17 -21.39 -11.84
N VAL D 172 -32.23 -20.52 -12.14
CA VAL D 172 -32.47 -19.14 -12.35
C VAL D 172 -33.14 -18.97 -13.69
N GLU D 173 -32.96 -19.93 -14.60
CA GLU D 173 -33.61 -19.72 -15.88
C GLU D 173 -35.11 -19.85 -15.67
N GLY D 174 -35.50 -20.75 -14.78
CA GLY D 174 -36.91 -20.91 -14.48
C GLY D 174 -37.50 -19.70 -13.77
N ILE D 175 -36.75 -19.12 -12.84
CA ILE D 175 -37.23 -17.93 -12.13
C ILE D 175 -37.38 -16.76 -13.12
N PHE D 176 -36.42 -16.66 -14.01
CA PHE D 176 -36.54 -15.71 -15.09
C PHE D 176 -37.84 -15.94 -15.85
N ASN D 177 -38.13 -17.19 -16.18
CA ASN D 177 -39.32 -17.42 -17.01
C ASN D 177 -40.58 -17.06 -16.27
N ASP D 178 -40.53 -17.23 -14.95
CA ASP D 178 -41.68 -16.93 -14.10
C ASP D 178 -41.87 -15.40 -14.03
N VAL D 179 -40.78 -14.65 -13.95
CA VAL D 179 -40.90 -13.21 -13.99
C VAL D 179 -41.52 -12.77 -15.28
N VAL D 180 -41.03 -13.30 -16.40
CA VAL D 180 -41.50 -12.85 -17.71
C VAL D 180 -43.00 -13.16 -17.88
N GLU D 181 -43.38 -14.39 -17.55
CA GLU D 181 -44.78 -14.80 -17.55
C GLU D 181 -45.68 -13.86 -16.73
N ASN D 182 -45.23 -13.47 -15.55
CA ASN D 182 -45.98 -12.55 -14.74
C ASN D 182 -46.05 -11.14 -15.36
N VAL D 183 -44.97 -10.67 -15.97
CA VAL D 183 -45.03 -9.42 -16.72
C VAL D 183 -46.00 -9.49 -17.93
N LYS D 184 -45.98 -10.61 -18.62
CA LYS D 184 -46.93 -10.85 -19.73
C LYS D 184 -48.37 -10.79 -19.26
N ARG D 185 -48.70 -11.53 -18.20
CA ARG D 185 -50.04 -11.52 -17.63
C ARG D 185 -50.39 -10.10 -17.25
N LEU D 186 -49.49 -9.42 -16.56
CA LEU D 186 -49.77 -8.07 -16.13
C LEU D 186 -50.14 -7.10 -17.24
N TYR D 187 -49.39 -7.15 -18.35
CA TYR D 187 -49.66 -6.33 -19.51
C TYR D 187 -50.93 -6.81 -20.21
N GLN D 188 -51.06 -8.10 -20.44
CA GLN D 188 -52.11 -8.56 -21.35
C GLN D 188 -53.49 -8.69 -20.71
N GLU D 189 -53.51 -9.11 -19.44
CA GLU D 189 -54.76 -9.38 -18.76
C GLU D 189 -55.09 -8.33 -17.71
N ALA D 190 -54.06 -7.75 -17.09
CA ALA D 190 -54.29 -6.71 -16.10
C ALA D 190 -54.32 -5.37 -16.83
N GLU D 191 -53.73 -5.34 -18.02
CA GLU D 191 -53.54 -4.09 -18.71
C GLU D 191 -52.84 -3.02 -17.85
N LEU D 192 -51.76 -3.45 -17.18
CA LEU D 192 -50.88 -2.55 -16.42
C LEU D 192 -49.40 -2.70 -16.75
N VAL D 193 -48.67 -1.62 -16.54
CA VAL D 193 -47.19 -1.70 -16.46
C VAL D 193 -46.72 -1.41 -15.02
N HIS D 194 -46.07 -2.39 -14.40
CA HIS D 194 -45.56 -2.27 -13.05
C HIS D 194 -44.81 -0.97 -12.87
N ALA D 195 -43.76 -0.75 -13.67
CA ALA D 195 -43.11 0.56 -13.65
C ALA D 195 -42.08 0.80 -12.53
N ASP D 196 -41.96 -0.08 -11.57
CA ASP D 196 -40.73 -0.06 -10.73
C ASP D 196 -40.21 -1.46 -10.58
N LEU D 197 -40.10 -2.16 -11.69
CA LEU D 197 -39.83 -3.59 -11.63
C LEU D 197 -38.33 -3.91 -11.67
N SER D 198 -37.88 -4.59 -10.63
CA SER D 198 -36.47 -4.79 -10.43
C SER D 198 -36.35 -5.80 -9.31
N GLU D 199 -35.12 -6.23 -9.10
CA GLU D 199 -34.78 -7.26 -8.16
C GLU D 199 -35.14 -6.86 -6.74
N TYR D 200 -35.33 -5.58 -6.52
CA TYR D 200 -35.74 -5.11 -5.21
C TYR D 200 -37.23 -5.23 -4.89
N ASN D 201 -38.07 -5.38 -5.93
CA ASN D 201 -39.51 -5.44 -5.77
C ASN D 201 -40.11 -6.77 -6.21
N ILE D 202 -39.29 -7.81 -6.19
CA ILE D 202 -39.75 -9.12 -6.50
C ILE D 202 -39.30 -10.12 -5.43
N MSE D 203 -40.28 -10.73 -4.75
CA MSE D 203 -40.03 -11.76 -3.73
C MSE D 203 -40.09 -13.19 -4.27
O MSE D 203 -40.70 -13.47 -5.31
CB MSE D 203 -41.06 -11.60 -2.58
CG MSE D 203 -40.95 -10.28 -1.86
SE MSE D 203 -42.09 -10.24 -0.23
CE MSE D 203 -43.62 -9.74 -1.09
N TYR D 204 -39.43 -14.10 -3.57
CA TYR D 204 -39.36 -15.47 -4.05
C TYR D 204 -39.43 -16.52 -2.95
N ILE D 205 -40.53 -17.22 -2.98
CA ILE D 205 -40.74 -18.42 -2.07
C ILE D 205 -41.45 -19.41 -3.00
N ASP D 206 -40.81 -20.38 -3.54
CA ASP D 206 -41.30 -21.35 -4.45
C ASP D 206 -41.72 -20.81 -5.81
N LYS D 207 -42.31 -19.62 -5.86
CA LYS D 207 -42.56 -18.90 -7.10
C LYS D 207 -42.28 -17.44 -6.80
N VAL D 208 -42.18 -16.59 -7.82
CA VAL D 208 -41.95 -15.18 -7.58
C VAL D 208 -43.27 -14.45 -7.27
N TYR D 209 -43.15 -13.29 -6.63
CA TYR D 209 -44.27 -12.39 -6.39
C TYR D 209 -43.79 -10.99 -6.67
N PHE D 210 -44.67 -10.19 -7.26
CA PHE D 210 -44.45 -8.77 -7.49
C PHE D 210 -45.08 -7.96 -6.36
N ILE D 211 -44.37 -6.94 -5.90
CA ILE D 211 -44.95 -6.03 -4.97
C ILE D 211 -44.55 -4.60 -5.31
N ASP D 212 -45.09 -3.67 -4.56
CA ASP D 212 -44.74 -2.27 -4.60
C ASP D 212 -45.35 -1.64 -5.84
N MSE D 213 -46.64 -1.33 -5.77
CA MSE D 213 -47.39 -1.12 -6.99
C MSE D 213 -48.14 0.17 -7.10
O MSE D 213 -48.93 0.31 -8.01
CB MSE D 213 -48.28 -2.34 -7.27
CG MSE D 213 -47.47 -3.48 -7.68
SE MSE D 213 -48.46 -4.86 -8.70
CE MSE D 213 -48.70 -3.87 -10.50
N GLY D 214 -47.85 1.13 -6.22
CA GLY D 214 -48.53 2.42 -6.27
C GLY D 214 -48.30 3.15 -7.59
N GLN D 215 -47.13 2.91 -8.20
CA GLN D 215 -46.78 3.63 -9.43
C GLN D 215 -47.27 2.95 -10.69
N ALA D 216 -47.76 1.71 -10.59
CA ALA D 216 -48.08 0.98 -11.80
C ALA D 216 -49.14 1.75 -12.57
N VAL D 217 -49.07 1.69 -13.89
CA VAL D 217 -49.99 2.51 -14.70
C VAL D 217 -50.71 1.64 -15.69
N THR D 218 -51.85 2.13 -16.15
CA THR D 218 -52.68 1.49 -17.15
C THR D 218 -52.01 1.61 -18.50
N LEU D 219 -52.39 0.73 -19.41
CA LEU D 219 -51.89 0.76 -20.79
C LEU D 219 -52.06 2.09 -21.51
N ARG D 220 -52.97 2.94 -21.04
CA ARG D 220 -53.22 4.23 -21.66
C ARG D 220 -52.31 5.36 -21.21
N HIS D 221 -51.65 5.19 -20.08
CA HIS D 221 -50.71 6.22 -19.64
C HIS D 221 -49.77 6.57 -20.78
N PRO D 222 -49.48 7.87 -20.97
CA PRO D 222 -48.59 8.27 -22.07
C PRO D 222 -47.26 7.54 -22.03
N MSE D 223 -46.79 7.26 -20.81
CA MSE D 223 -45.44 6.72 -20.57
C MSE D 223 -45.41 5.21 -20.38
O MSE D 223 -44.34 4.65 -20.11
CB MSE D 223 -44.86 7.38 -19.32
CG MSE D 223 -44.65 8.86 -19.48
SE MSE D 223 -43.31 9.13 -20.87
CE MSE D 223 -41.70 8.61 -19.86
N ALA D 224 -46.55 4.56 -20.49
CA ALA D 224 -46.60 3.13 -20.25
C ALA D 224 -45.58 2.33 -21.06
N GLU D 225 -45.32 2.74 -22.30
CA GLU D 225 -44.45 2.01 -23.23
C GLU D 225 -43.02 2.21 -22.73
N SER D 226 -42.69 3.45 -22.42
CA SER D 226 -41.39 3.79 -21.88
C SER D 226 -41.11 2.98 -20.60
N TYR D 227 -42.10 2.96 -19.70
CA TYR D 227 -41.97 2.35 -18.40
C TYR D 227 -41.75 0.85 -18.59
N LEU D 228 -42.46 0.25 -19.55
CA LEU D 228 -42.35 -1.17 -19.83
C LEU D 228 -40.96 -1.55 -20.34
N GLU D 229 -40.40 -0.74 -21.24
CA GLU D 229 -39.06 -1.00 -21.74
C GLU D 229 -38.01 -0.95 -20.61
N ARG D 230 -38.18 -0.01 -19.69
CA ARG D 230 -37.32 0.07 -18.49
C ARG D 230 -37.40 -1.21 -17.65
N ASP D 231 -38.61 -1.60 -17.27
CA ASP D 231 -38.90 -2.88 -16.66
C ASP D 231 -38.17 -4.01 -17.36
N VAL D 232 -38.32 -4.10 -18.69
CA VAL D 232 -37.67 -5.18 -19.44
C VAL D 232 -36.17 -5.09 -19.32
N ARG D 233 -35.62 -3.91 -19.51
CA ARG D 233 -34.15 -3.82 -19.43
C ARG D 233 -33.61 -4.22 -18.06
N ASN D 234 -34.33 -3.81 -17.02
CA ASN D 234 -33.92 -4.02 -15.63
C ASN D 234 -33.91 -5.48 -15.33
N ILE D 235 -34.94 -6.18 -15.83
CA ILE D 235 -35.01 -7.62 -15.68
C ILE D 235 -33.93 -8.33 -16.47
N ILE D 236 -33.71 -7.94 -17.74
CA ILE D 236 -32.64 -8.60 -18.51
C ILE D 236 -31.31 -8.40 -17.80
N ARG D 237 -31.06 -7.16 -17.39
CA ARG D 237 -29.81 -6.82 -16.83
C ARG D 237 -29.50 -7.56 -15.54
N PHE D 238 -30.50 -7.71 -14.67
CA PHE D 238 -30.31 -8.45 -13.43
C PHE D 238 -30.05 -9.91 -13.71
N PHE D 239 -30.80 -10.49 -14.64
CA PHE D 239 -30.65 -11.92 -14.84
C PHE D 239 -29.41 -12.29 -15.67
N SER D 240 -28.85 -11.33 -16.41
CA SER D 240 -27.59 -11.52 -17.11
C SER D 240 -26.49 -11.87 -16.12
N LYS D 241 -26.57 -11.33 -14.90
CA LYS D 241 -25.58 -11.62 -13.88
C LYS D 241 -25.59 -13.09 -13.46
N TYR D 242 -26.67 -13.78 -13.76
CA TYR D 242 -26.76 -15.19 -13.38
C TYR D 242 -26.71 -16.17 -14.52
N GLY D 243 -26.27 -15.71 -15.68
CA GLY D 243 -26.16 -16.62 -16.82
C GLY D 243 -27.39 -16.73 -17.72
N VAL D 244 -28.47 -16.02 -17.40
CA VAL D 244 -29.63 -16.00 -18.31
C VAL D 244 -29.39 -15.05 -19.48
N LYS D 245 -29.52 -15.60 -20.68
CA LYS D 245 -29.29 -14.88 -21.92
C LYS D 245 -30.65 -14.59 -22.50
N ALA D 246 -30.91 -13.32 -22.79
CA ALA D 246 -32.24 -12.89 -23.24
C ALA D 246 -32.09 -11.70 -24.16
N ASP D 247 -33.00 -11.53 -25.11
CA ASP D 247 -32.92 -10.33 -25.94
C ASP D 247 -34.02 -9.34 -25.63
N PHE D 248 -33.67 -8.08 -25.61
CA PHE D 248 -34.64 -7.01 -25.39
C PHE D 248 -35.88 -7.09 -26.28
N GLU D 249 -35.70 -7.29 -27.58
CA GLU D 249 -36.81 -7.22 -28.52
C GLU D 249 -37.69 -8.43 -28.37
N GLU D 250 -37.07 -9.59 -28.17
CA GLU D 250 -37.77 -10.84 -27.98
C GLU D 250 -38.65 -10.84 -26.72
N MSE D 251 -38.14 -10.31 -25.61
CA MSE D 251 -38.90 -10.31 -24.35
C MSE D 251 -40.05 -9.30 -24.44
O MSE D 251 -41.14 -9.50 -23.90
CB MSE D 251 -38.02 -9.94 -23.15
CG MSE D 251 -36.97 -11.02 -22.80
SE MSE D 251 -37.59 -12.91 -22.95
CE MSE D 251 -39.48 -12.68 -22.42
N LEU D 252 -39.79 -8.21 -25.12
CA LEU D 252 -40.78 -7.16 -25.27
C LEU D 252 -41.97 -7.55 -26.11
N LYS D 253 -41.70 -8.28 -27.19
CA LYS D 253 -42.77 -8.76 -28.05
C LYS D 253 -43.50 -9.91 -27.39
N GLU D 254 -42.77 -10.69 -26.60
CA GLU D 254 -43.37 -11.81 -25.92
C GLU D 254 -44.37 -11.24 -24.92
N VAL D 255 -43.92 -10.29 -24.11
CA VAL D 255 -44.81 -9.64 -23.17
C VAL D 255 -46.01 -8.95 -23.84
N LYS D 256 -45.74 -8.24 -24.92
CA LYS D 256 -46.78 -7.49 -25.62
C LYS D 256 -47.63 -8.28 -26.64
N GLY D 257 -47.31 -9.55 -26.86
CA GLY D 257 -48.02 -10.37 -27.86
C GLY D 257 -47.66 -10.07 -29.32
MN MN E . 40.53 3.23 4.10
PB ADP F . 42.62 1.79 6.19
O1B ADP F . 41.38 1.74 5.36
O2B ADP F . 42.45 1.96 7.67
O3B ADP F . 43.56 0.63 5.88
PA ADP F . 43.29 4.52 5.37
O1A ADP F . 44.42 4.94 4.45
O2A ADP F . 41.82 4.71 4.98
O3A ADP F . 43.64 2.99 5.73
O5' ADP F . 43.48 5.35 6.70
C5' ADP F . 42.65 5.12 7.81
C4' ADP F . 42.26 6.45 8.46
O4' ADP F . 43.42 7.17 8.87
C3' ADP F . 41.58 7.35 7.46
O3' ADP F . 40.21 7.02 7.51
C2' ADP F . 41.78 8.67 8.15
O2' ADP F . 40.84 8.64 9.21
C1' ADP F . 43.19 8.56 8.71
N9 ADP F . 44.15 9.10 7.70
C8 ADP F . 44.64 8.45 6.64
N7 ADP F . 45.45 9.26 5.96
C5 ADP F . 45.46 10.47 6.52
C6 ADP F . 46.11 11.75 6.28
N6 ADP F . 46.90 11.93 5.18
N1 ADP F . 45.82 12.76 7.16
C2 ADP F . 45.03 12.60 8.22
N3 ADP F . 44.40 11.44 8.49
C4 ADP F . 44.60 10.36 7.72
MN MN G . 17.86 3.49 -18.07
PB ADP H . 16.90 4.83 -15.25
O1B ADP H . 17.69 4.62 -16.47
O2B ADP H . 17.72 4.81 -14.01
O3B ADP H . 15.98 6.06 -15.29
PA ADP H . 15.89 2.13 -15.79
O1A ADP H . 14.45 1.65 -16.08
O2A ADP H . 16.94 2.07 -16.84
O3A ADP H . 15.82 3.62 -15.15
O5' ADP H . 16.32 1.17 -14.54
C5' ADP H . 17.46 1.51 -13.73
C4' ADP H . 18.18 0.23 -13.32
O4' ADP H . 17.34 -0.51 -12.41
C3' ADP H . 18.44 -0.67 -14.53
O3' ADP H . 19.69 -0.40 -15.20
C2' ADP H . 18.49 -2.03 -13.87
O2' ADP H . 19.73 -2.31 -13.21
C1' ADP H . 17.48 -1.90 -12.73
N9 ADP H . 16.22 -2.44 -13.24
C8 ADP H . 15.27 -1.72 -13.92
N7 ADP H . 14.23 -2.55 -14.25
C5 ADP H . 14.52 -3.80 -13.77
C6 ADP H . 13.85 -5.13 -13.74
N6 ADP H . 12.64 -5.29 -14.30
N1 ADP H . 14.49 -6.19 -13.13
C2 ADP H . 15.70 -6.01 -12.55
N3 ADP H . 16.36 -4.83 -12.52
C4 ADP H . 15.84 -3.70 -13.10
MN MN I . -18.02 -5.35 19.20
PB ADP J . -16.27 -7.00 21.40
O1B ADP J . -17.42 -6.68 20.50
O2B ADP J . -16.59 -6.83 22.85
O3B ADP J . -15.57 -8.29 21.11
PA ADP J . -15.11 -4.43 20.41
O1A ADP J . -13.97 -4.31 19.43
O2A ADP J . -16.51 -4.07 19.94
O3A ADP J . -15.15 -5.92 21.04
O5' ADP J . -14.77 -3.51 21.68
C5' ADP J . -15.65 -3.56 22.82
C4' ADP J . -15.67 -2.18 23.47
O4' ADP J . -14.38 -1.81 23.90
C3' ADP J . -16.11 -1.03 22.58
O3' ADP J . -17.51 -0.84 22.59
C2' ADP J . -15.52 0.17 23.28
O2' ADP J . -16.30 0.45 24.42
C1' ADP J . -14.20 -0.42 23.77
N9 ADP J . -13.25 -0.18 22.64
C8 ADP J . -12.96 -0.98 21.61
N7 ADP J . -12.04 -0.42 20.82
C5 ADP J . -11.73 0.80 21.39
C6 ADP J . -10.85 1.93 21.06
N6 ADP J . -10.06 1.92 19.96
N1 ADP J . -10.82 2.96 21.92
C2 ADP J . -11.62 3.01 23.01
N3 ADP J . -12.48 2.04 23.37
C4 ADP J . -12.54 0.93 22.59
MN MN K . -39.99 -1.44 -3.10
PB ADP L . -40.73 0.31 -0.29
O1B ADP L . -39.95 0.13 -1.59
O2B ADP L . -40.01 0.07 1.01
O3B ADP L . -41.49 1.62 -0.23
PA ADP L . -42.14 -2.28 -0.74
O1A ADP L . -43.61 -2.45 -1.10
O2A ADP L . -41.09 -2.78 -1.70
O3A ADP L . -41.94 -0.77 -0.22
O5' ADP L . -41.93 -3.17 0.60
C5' ADP L . -40.65 -3.18 1.27
C4' ADP L . -40.37 -4.53 1.89
O4' ADP L . -41.37 -4.84 2.87
C3' ADP L . -40.40 -5.72 0.93
O3' ADP L . -39.15 -6.00 0.29
C2' ADP L . -40.67 -6.87 1.90
O2' ADP L . -39.47 -7.12 2.63
C1' ADP L . -41.64 -6.25 2.86
N9 ADP L . -42.98 -6.54 2.32
C8 ADP L . -43.67 -5.70 1.51
N7 ADP L . -44.86 -6.25 1.18
C5 ADP L . -44.96 -7.46 1.78
C6 ADP L . -45.95 -8.57 1.81
N6 ADP L . -47.15 -8.48 1.17
N1 ADP L . -45.68 -9.66 2.53
C2 ADP L . -44.52 -9.77 3.21
N3 ADP L . -43.56 -8.81 3.21
C4 ADP L . -43.70 -7.65 2.52
#